data_7D3L
#
_entry.id   7D3L
#
_cell.length_a   1.00
_cell.length_b   1.00
_cell.length_c   1.00
_cell.angle_alpha   90.00
_cell.angle_beta   90.00
_cell.angle_gamma   90.00
#
_symmetry.space_group_name_H-M   'P 1'
#
loop_
_entity.id
_entity.type
_entity.pdbx_description
1 polymer 'O/TIBET/99 VP1'
2 polymer 'O/TIBET/99 VP2'
3 polymer 'O/TIBET/99 VP3'
4 polymer 'O/TIBET/99 VP4'
5 polymer 'F145 VH'
6 polymer 'F145 VL'
#
loop_
_entity_poly.entity_id
_entity_poly.type
_entity_poly.pdbx_seq_one_letter_code
_entity_poly.pdbx_strand_id
1 'polypeptide(L)'
;TTSTGESADPVTATVENYGGETQVQRRQHTDVSFILDRFVKVTPKDQINVLDLMQTPAHTLVGALLRTATYYFADLEVAV
KHEGNLTWVPNGAPETALDNTTNPTAYHKAPLTRLALPYTAPHRVLATVYNGNCKYGESPVTNARGDLQVLAQKAARALP
TSFNYGAIKATRVTELLYRMKRAETYCPRPLLAIHPSEARHKQKIVAPVKQLL
;
1
2 'polypeptide(L)'
;DKKTEETTLLEDRILTTRNGHTTSTTQSSVGVTYGYATAEDFVSGPNTSGLETRVVQAERFFKTHLFDWVTSDPFGRCYQ
LELPTDHKGVYGSLTDSYAYMRNGWDVEVTAVGNQFNGGCLLVAMVPELCSIDKRGLYQLTLFPHQFINPRTNMTAHITV
PFVGVNRYDQYKVHKPWTLVVMVVAPLTVNTEGAPQIKVYANIAPTNVHVAGEFPSKE
;
2
3 'polypeptide(L)'
;GIFPVACSDGYGGLVTTDPKTADPAYGKVFNPPRNMLPGRFTNFLDVAEACPTFLHFEGDVPYVTTKTDSDRVLAQFDLS
LAAKHMSNTFLAGLAQYYTQYSGTINLHFMFTGPTDAKARYMIAYAPPGMEPPKTPEAAAHCIHAEWDTGLNSKFTFSIP
YLSAADYAYTASDAAETTNVQGWVCLFQITHGKADGDALVVLASAGKDFELRLPVDARTQ
;
3
4 'polypeptide(L)'
;GAGQSSPATGSQNQSGNTGSIINNYYMQQYQNSMDTQLGDNAISGGSNEGSTDTTSTHTTNTQNNDWFSKLASSAFSGLF
GALLA
;
4
5 'polypeptide(L)'
;QVQLRESGPSLVKPSQTLSLTCTASGFSLSDKAVGWVRQAPGKALEWLGSIDTGGSTGYNPGLKSRLSITKDNSKSRVSL
SVSSVTTEDSATYYCTTVYHETSRTCPDGYIYDPGCGGSWVCSRLFPTDRCIVGRTTTYEWYVDAWGQGLLVTVSS
;
H
6 'polypeptide(L)'
;WAQAVLTQPSSVSGSLGQRVSITCSGSSSNVGNGYVSWYQLIPGSAPRTLIYGDTSRASGVPDRISGSRSGNTATLTISS
VQAEDEADYFCASAEDSSSNAVFGSGTTLTVLGDYKDDDDKGG
;
L
#
# COMPACT_ATOMS: atom_id res chain seq x y z
N THR A 2 -6.31 37.60 16.14
CA THR A 2 -5.73 37.55 14.80
C THR A 2 -6.82 37.41 13.74
N SER A 3 -7.51 36.27 13.75
CA SER A 3 -8.65 36.04 12.86
C SER A 3 -8.41 35.96 11.34
N THR A 4 -7.34 35.26 10.96
CA THR A 4 -7.03 35.02 9.57
C THR A 4 -7.92 34.00 8.85
N GLY A 5 -7.59 33.69 7.60
CA GLY A 5 -8.30 32.70 6.83
C GLY A 5 -7.77 31.28 6.97
N GLU A 6 -8.56 30.33 6.48
CA GLU A 6 -8.26 28.91 6.64
C GLU A 6 -7.33 28.18 5.66
N SER A 7 -6.54 28.89 4.87
CA SER A 7 -5.60 28.25 3.97
C SER A 7 -4.37 27.83 4.76
N ALA A 8 -3.34 27.35 4.08
CA ALA A 8 -2.11 26.93 4.75
C ALA A 8 -1.28 28.20 4.81
N ASP A 9 -1.60 29.05 5.79
CA ASP A 9 -0.81 30.29 5.98
C ASP A 9 -0.03 30.13 7.27
N PRO A 10 1.30 30.34 7.30
CA PRO A 10 2.08 30.17 8.53
C PRO A 10 1.97 31.44 9.38
N VAL A 11 0.80 31.65 10.00
CA VAL A 11 0.56 32.84 10.87
C VAL A 11 0.64 32.34 12.31
N THR A 12 1.68 32.75 13.02
CA THR A 12 1.85 32.33 14.43
C THR A 12 1.56 33.55 15.30
N ALA A 13 0.56 33.47 16.17
CA ALA A 13 0.13 34.68 16.90
C ALA A 13 1.21 34.99 17.94
N THR A 14 1.78 36.20 17.85
CA THR A 14 2.84 36.63 18.80
C THR A 14 2.19 37.12 20.10
N VAL A 15 2.99 37.25 21.16
CA VAL A 15 2.52 37.78 22.48
C VAL A 15 2.22 39.28 22.40
N GLU A 16 2.82 39.98 21.43
CA GLU A 16 2.70 41.44 21.17
C GLU A 16 1.27 41.86 20.77
N ASN A 17 0.42 40.95 20.28
CA ASN A 17 -0.98 41.35 19.93
C ASN A 17 -1.61 42.05 21.14
N TYR A 18 -1.66 41.39 22.31
CA TYR A 18 -2.12 42.05 23.56
C TYR A 18 -0.88 42.62 24.27
N GLY A 19 -1.05 43.26 25.43
CA GLY A 19 0.14 43.82 26.10
C GLY A 19 1.15 42.73 26.42
N GLY A 20 2.44 42.99 26.13
CA GLY A 20 3.50 42.01 26.39
C GLY A 20 4.67 42.16 25.42
N GLU A 21 5.66 41.27 25.49
CA GLU A 21 6.82 41.34 24.61
C GLU A 21 7.40 39.94 24.41
N THR A 22 7.64 39.56 23.16
CA THR A 22 8.20 38.25 22.85
C THR A 22 9.63 38.47 22.37
N GLN A 23 10.58 37.81 23.01
CA GLN A 23 11.97 38.01 22.61
C GLN A 23 12.98 36.92 22.95
N VAL A 24 14.10 36.98 22.25
CA VAL A 24 15.24 36.08 22.46
C VAL A 24 14.99 34.57 22.38
N GLN A 25 14.20 34.12 21.41
CA GLN A 25 13.98 32.69 21.30
C GLN A 25 15.31 32.05 20.95
N ARG A 26 15.67 30.99 21.66
CA ARG A 26 16.92 30.30 21.40
C ARG A 26 16.58 28.89 21.00
N ARG A 27 17.13 28.44 19.88
CA ARG A 27 16.82 27.10 19.43
C ARG A 27 18.06 26.28 19.13
N GLN A 28 18.77 25.93 20.19
CA GLN A 28 19.94 25.10 20.06
C GLN A 28 19.23 23.92 20.69
N HIS A 29 19.72 22.74 20.40
CA HIS A 29 19.12 21.50 20.89
C HIS A 29 17.97 20.95 20.08
N THR A 30 17.58 21.61 18.99
CA THR A 30 16.62 21.07 18.04
C THR A 30 17.17 21.00 16.64
N ASP A 31 18.24 21.73 16.34
CA ASP A 31 18.81 21.72 14.99
C ASP A 31 19.10 20.31 14.56
N VAL A 32 18.49 19.91 13.44
CA VAL A 32 18.54 18.53 12.98
C VAL A 32 19.96 17.98 12.98
N SER A 33 20.95 18.84 12.77
CA SER A 33 22.33 18.38 12.82
C SER A 33 22.75 18.06 14.24
N PHE A 34 22.22 18.79 15.22
CA PHE A 34 22.68 18.61 16.60
C PHE A 34 21.94 17.68 17.55
N ILE A 35 20.76 17.21 17.15
CA ILE A 35 20.00 16.32 17.99
C ILE A 35 20.22 14.89 17.50
N LEU A 36 20.39 14.80 16.18
CA LEU A 36 20.64 13.54 15.49
C LEU A 36 21.99 12.93 15.85
N ASP A 37 22.97 13.77 16.19
CA ASP A 37 24.30 13.30 16.50
C ASP A 37 24.43 12.76 17.93
N ARG A 38 23.84 11.60 18.13
CA ARG A 38 23.88 10.92 19.42
C ARG A 38 24.00 9.44 19.11
N PHE A 39 24.54 8.66 20.02
CA PHE A 39 24.67 7.24 19.78
C PHE A 39 23.38 6.55 20.19
N VAL A 40 22.79 5.81 19.26
CA VAL A 40 21.54 5.12 19.54
C VAL A 40 21.82 3.62 19.53
N LYS A 41 21.29 2.91 20.53
CA LYS A 41 21.58 1.49 20.65
C LYS A 41 20.62 0.68 19.79
N VAL A 42 21.18 -0.29 19.07
CA VAL A 42 20.42 -1.13 18.15
C VAL A 42 20.64 -2.59 18.55
N THR A 43 19.54 -3.33 18.66
CA THR A 43 19.63 -4.74 19.00
C THR A 43 20.31 -5.52 17.88
N PRO A 44 21.52 -6.02 18.08
CA PRO A 44 22.28 -6.58 16.97
C PRO A 44 21.90 -8.01 16.67
N LYS A 45 22.28 -8.46 15.48
CA LYS A 45 22.15 -9.86 15.12
C LYS A 45 23.33 -10.64 15.70
N ASP A 46 23.30 -11.96 15.51
CA ASP A 46 24.37 -12.79 16.07
C ASP A 46 25.70 -12.48 15.41
N GLN A 47 25.78 -12.63 14.08
CA GLN A 47 27.03 -12.44 13.38
C GLN A 47 27.04 -11.53 12.17
N ILE A 48 25.89 -11.21 11.59
CA ILE A 48 25.83 -10.42 10.36
C ILE A 48 24.58 -9.55 10.45
N ASN A 49 24.78 -8.25 10.45
CA ASN A 49 23.67 -7.30 10.43
C ASN A 49 23.96 -6.22 9.42
N VAL A 50 22.90 -5.71 8.81
CA VAL A 50 22.97 -4.79 7.70
C VAL A 50 22.66 -3.40 8.24
N LEU A 51 23.64 -2.52 8.21
CA LEU A 51 23.51 -1.17 8.74
C LEU A 51 22.43 -0.52 7.90
N ASP A 52 21.34 -0.14 8.54
CA ASP A 52 20.37 0.72 7.90
C ASP A 52 19.73 1.45 9.06
N LEU A 53 19.72 2.78 8.97
CA LEU A 53 19.27 3.59 10.08
C LEU A 53 17.83 3.33 10.45
N MET A 54 17.13 2.49 9.70
CA MET A 54 15.78 2.07 10.07
C MET A 54 15.78 0.92 11.06
N GLN A 55 16.90 0.24 11.25
CA GLN A 55 16.96 -0.84 12.22
C GLN A 55 16.80 -0.33 13.65
N THR A 56 16.98 0.97 13.86
CA THR A 56 16.84 1.54 15.19
C THR A 56 15.40 1.38 15.68
N PRO A 57 15.18 1.35 16.99
CA PRO A 57 13.82 1.23 17.51
C PRO A 57 13.00 2.47 17.19
N ALA A 58 11.70 2.36 17.39
CA ALA A 58 10.77 3.43 17.04
C ALA A 58 10.47 4.35 18.22
N HIS A 59 11.18 4.21 19.34
CA HIS A 59 10.88 4.99 20.52
C HIS A 59 12.08 5.64 21.17
N THR A 60 13.28 5.50 20.60
CA THR A 60 14.43 6.21 21.11
C THR A 60 14.47 7.63 20.56
N LEU A 61 15.21 8.49 21.25
CA LEU A 61 15.33 9.89 20.83
C LEU A 61 15.84 10.03 19.41
N VAL A 62 16.57 9.04 18.91
CA VAL A 62 17.07 9.08 17.54
C VAL A 62 16.18 8.27 16.61
N GLY A 63 15.78 7.08 17.02
CA GLY A 63 14.92 6.26 16.19
C GLY A 63 13.56 6.85 15.95
N ALA A 64 13.15 7.84 16.73
CA ALA A 64 11.86 8.49 16.53
C ALA A 64 11.98 9.89 15.94
N LEU A 65 13.09 10.57 16.15
CA LEU A 65 13.37 11.82 15.46
C LEU A 65 14.00 11.60 14.10
N LEU A 66 14.22 10.35 13.72
CA LEU A 66 14.66 10.03 12.37
C LEU A 66 13.54 9.56 11.48
N ARG A 67 12.53 8.91 12.04
CA ARG A 67 11.35 8.52 11.29
C ARG A 67 10.37 9.66 11.09
N THR A 68 10.69 10.85 11.60
CA THR A 68 9.93 12.05 11.29
C THR A 68 10.48 12.78 10.09
N ALA A 69 11.18 12.08 9.20
CA ALA A 69 11.80 12.71 8.06
C ALA A 69 11.75 11.73 6.90
N THR A 70 10.95 12.05 5.88
CA THR A 70 10.74 11.09 4.81
C THR A 70 12.04 10.77 4.09
N TYR A 71 12.88 11.75 3.87
CA TYR A 71 14.18 11.55 3.24
C TYR A 71 15.26 12.11 4.15
N TYR A 72 16.25 11.29 4.46
CA TYR A 72 17.35 11.69 5.31
C TYR A 72 18.66 11.35 4.65
N PHE A 73 19.61 12.26 4.75
CA PHE A 73 20.98 12.06 4.32
C PHE A 73 21.85 12.07 5.55
N ALA A 74 22.35 10.92 5.95
CA ALA A 74 23.21 10.81 7.11
C ALA A 74 24.59 10.34 6.67
N ASP A 75 25.50 10.24 7.62
CA ASP A 75 26.83 9.71 7.37
C ASP A 75 26.88 9.19 8.79
N LEU A 76 27.33 7.95 8.98
CA LEU A 76 26.99 7.25 10.21
C LEU A 76 28.39 6.91 10.68
N GLU A 77 28.54 6.86 12.00
CA GLU A 77 29.78 6.52 12.69
C GLU A 77 29.46 5.37 13.64
N VAL A 78 29.46 4.16 13.11
CA VAL A 78 29.08 3.01 13.92
C VAL A 78 30.15 2.75 14.97
N ALA A 79 29.72 2.21 16.12
CA ALA A 79 30.62 1.85 17.20
C ALA A 79 30.18 0.51 17.77
N VAL A 80 31.00 -0.52 17.57
CA VAL A 80 30.59 -1.90 17.79
C VAL A 80 31.36 -2.48 18.95
N LYS A 81 30.76 -3.47 19.60
CA LYS A 81 31.42 -4.27 20.62
C LYS A 81 31.36 -5.72 20.17
N HIS A 82 32.52 -6.27 19.78
CA HIS A 82 32.55 -7.55 19.09
C HIS A 82 33.76 -8.42 19.38
N GLU A 83 33.51 -9.73 19.42
CA GLU A 83 34.56 -10.70 19.71
C GLU A 83 35.69 -11.06 18.77
N GLY A 84 35.56 -10.80 17.48
CA GLY A 84 36.62 -11.08 16.52
C GLY A 84 36.72 -9.95 15.52
N ASN A 85 37.56 -10.15 14.53
CA ASN A 85 37.70 -9.16 13.47
C ASN A 85 36.36 -8.79 12.86
N LEU A 86 36.17 -7.51 12.59
CA LEU A 86 34.88 -6.95 12.20
C LEU A 86 34.98 -6.34 10.81
N THR A 87 34.35 -6.97 9.83
CA THR A 87 34.49 -6.57 8.44
C THR A 87 33.25 -5.81 7.98
N TRP A 88 33.47 -4.66 7.34
CA TRP A 88 32.39 -3.85 6.81
C TRP A 88 32.50 -3.78 5.30
N VAL A 89 31.57 -4.40 4.60
CA VAL A 89 31.48 -4.33 3.14
C VAL A 89 30.54 -3.19 2.76
N PRO A 90 30.82 -2.39 1.74
CA PRO A 90 29.86 -1.36 1.31
C PRO A 90 28.54 -1.98 0.91
N ASN A 91 27.52 -1.14 0.78
CA ASN A 91 26.21 -1.67 0.39
C ASN A 91 26.25 -2.15 -1.05
N GLY A 92 25.36 -3.09 -1.36
CA GLY A 92 25.40 -3.83 -2.60
C GLY A 92 26.79 -4.39 -2.79
N ALA A 93 27.40 -4.78 -1.68
CA ALA A 93 28.60 -5.57 -1.70
C ALA A 93 28.08 -6.92 -1.31
N PRO A 94 28.17 -7.90 -2.20
CA PRO A 94 27.50 -9.18 -1.96
C PRO A 94 28.02 -9.84 -0.70
N GLU A 95 27.22 -10.76 -0.18
CA GLU A 95 27.70 -11.61 0.88
C GLU A 95 28.86 -12.45 0.35
N THR A 96 29.50 -13.18 1.27
CA THR A 96 30.77 -13.84 0.98
C THR A 96 31.80 -12.82 0.53
N ALA A 97 31.59 -11.57 0.91
CA ALA A 97 32.60 -10.53 0.82
C ALA A 97 32.81 -9.93 2.20
N LEU A 98 32.13 -10.44 3.21
CA LEU A 98 32.35 -10.10 4.60
C LEU A 98 33.44 -10.95 5.23
N ASP A 99 33.87 -12.01 4.58
CA ASP A 99 34.90 -12.86 5.13
C ASP A 99 36.31 -12.44 4.70
N ASN A 100 36.43 -11.63 3.66
CA ASN A 100 37.75 -11.23 3.17
C ASN A 100 38.22 -10.00 3.93
N THR A 101 39.41 -10.09 4.51
CA THR A 101 39.95 -8.99 5.30
C THR A 101 40.55 -7.88 4.46
N THR A 102 40.27 -7.83 3.16
CA THR A 102 40.66 -6.67 2.36
C THR A 102 39.65 -5.55 2.47
N ASN A 103 38.44 -5.84 2.92
CA ASN A 103 37.47 -4.82 3.27
C ASN A 103 37.86 -4.20 4.61
N PRO A 104 37.33 -3.02 4.93
CA PRO A 104 37.69 -2.42 6.22
C PRO A 104 37.36 -3.34 7.37
N THR A 105 38.38 -3.85 8.04
CA THR A 105 38.22 -4.95 9.01
C THR A 105 39.04 -4.60 10.24
N ALA A 106 38.40 -3.88 11.17
CA ALA A 106 39.08 -3.46 12.41
C ALA A 106 39.33 -4.67 13.30
N TYR A 107 40.55 -4.81 13.82
CA TYR A 107 40.91 -5.97 14.69
C TYR A 107 40.31 -5.78 16.09
N HIS A 108 40.27 -6.87 16.86
CA HIS A 108 39.65 -6.83 18.21
C HIS A 108 40.36 -5.84 19.13
N LYS A 109 39.60 -5.12 19.96
CA LYS A 109 40.15 -4.15 20.95
C LYS A 109 39.36 -4.30 22.26
N ALA A 110 39.95 -3.94 23.40
CA ALA A 110 39.23 -4.08 24.68
C ALA A 110 37.99 -3.17 24.66
N PRO A 111 38.12 -1.90 24.21
CA PRO A 111 36.99 -0.99 24.10
C PRO A 111 36.23 -1.26 22.80
N LEU A 112 35.00 -0.78 22.68
CA LEU A 112 34.20 -0.98 21.44
C LEU A 112 34.91 -0.27 20.28
N THR A 113 34.93 -0.91 19.11
CA THR A 113 35.60 -0.34 17.90
C THR A 113 34.70 0.71 17.25
N ARG A 114 35.21 1.94 17.08
CA ARG A 114 34.44 3.02 16.47
C ARG A 114 34.96 3.27 15.08
N LEU A 115 34.21 2.86 14.07
CA LEU A 115 34.50 3.20 12.68
C LEU A 115 33.75 4.47 12.30
N ALA A 116 34.15 5.05 11.18
CA ALA A 116 33.50 6.25 10.63
C ALA A 116 33.15 5.95 9.18
N LEU A 117 32.00 5.35 8.98
CA LEU A 117 31.63 4.87 7.66
C LEU A 117 31.13 6.03 6.80
N PRO A 118 31.57 6.13 5.57
CA PRO A 118 30.93 7.08 4.66
C PRO A 118 29.52 6.65 4.32
N TYR A 119 28.84 7.42 3.49
CA TYR A 119 27.50 7.10 3.03
C TYR A 119 27.61 6.63 1.59
N THR A 120 27.42 5.32 1.39
CA THR A 120 27.78 4.65 0.16
C THR A 120 26.59 4.40 -0.76
N ALA A 121 25.36 4.59 -0.27
CA ALA A 121 24.19 4.22 -1.04
C ALA A 121 24.14 4.98 -2.37
N PRO A 122 23.63 4.34 -3.41
CA PRO A 122 23.52 4.98 -4.73
C PRO A 122 22.22 5.73 -4.90
N HIS A 123 22.04 6.77 -4.10
CA HIS A 123 20.79 7.51 -4.09
C HIS A 123 21.07 8.93 -3.62
N ARG A 124 20.30 9.89 -4.14
CA ARG A 124 20.37 11.24 -3.61
C ARG A 124 20.29 11.23 -2.10
N VAL A 125 19.17 10.74 -1.58
CA VAL A 125 18.90 10.67 -0.16
C VAL A 125 18.12 9.39 0.11
N LEU A 126 18.45 8.71 1.20
CA LEU A 126 17.67 7.54 1.59
C LEU A 126 16.26 7.96 1.97
N ALA A 127 15.44 6.99 2.31
CA ALA A 127 14.07 7.27 2.69
C ALA A 127 13.74 6.51 3.97
N THR A 128 12.67 6.95 4.63
CA THR A 128 12.17 6.26 5.80
C THR A 128 10.90 5.48 5.52
N VAL A 129 10.10 5.92 4.56
CA VAL A 129 8.98 5.15 4.06
C VAL A 129 9.03 5.19 2.55
N TYR A 130 8.66 4.08 1.91
CA TYR A 130 8.79 3.95 0.48
C TYR A 130 7.55 3.29 -0.08
N ASN A 131 6.87 4.01 -0.95
CA ASN A 131 5.60 3.55 -1.51
C ASN A 131 5.86 2.54 -2.61
N GLY A 132 5.78 1.26 -2.27
CA GLY A 132 6.05 0.21 -3.23
C GLY A 132 4.87 -0.73 -3.45
N ARG A 157 6.44 -1.70 4.87
CA ARG A 157 6.79 -2.56 6.00
C ARG A 157 8.26 -2.98 5.91
N ALA A 158 8.79 -2.95 4.68
CA ALA A 158 10.19 -3.28 4.44
C ALA A 158 10.66 -2.48 3.24
N LEU A 159 11.61 -1.58 3.47
CA LEU A 159 12.11 -0.71 2.42
C LEU A 159 12.94 -1.53 1.44
N PRO A 160 13.25 -0.98 0.26
CA PRO A 160 14.08 -1.71 -0.71
C PRO A 160 15.42 -2.14 -0.11
N THR A 161 16.03 -3.15 -0.73
CA THR A 161 17.29 -3.69 -0.28
C THR A 161 18.39 -2.63 -0.40
N SER A 162 18.22 -1.65 -1.28
CA SER A 162 19.24 -0.68 -1.56
C SER A 162 19.51 0.49 -0.61
N PHE A 163 18.73 0.65 0.46
CA PHE A 163 18.95 1.67 1.46
C PHE A 163 19.75 1.05 2.60
N ASN A 164 21.07 1.12 2.52
CA ASN A 164 21.92 0.53 3.55
C ASN A 164 23.13 1.43 3.74
N TYR A 165 24.04 0.95 4.57
CA TYR A 165 25.41 1.43 4.62
C TYR A 165 26.42 0.31 4.62
N GLY A 166 26.00 -0.93 4.46
CA GLY A 166 26.91 -2.05 4.41
C GLY A 166 26.48 -3.17 5.33
N ALA A 167 27.48 -3.84 5.91
CA ALA A 167 27.19 -4.95 6.86
C ALA A 167 28.39 -5.19 7.76
N ILE A 168 28.15 -5.63 9.00
CA ILE A 168 29.25 -5.87 9.96
C ILE A 168 29.31 -7.38 10.26
N LYS A 169 30.32 -8.06 9.74
CA LYS A 169 30.45 -9.53 9.97
C LYS A 169 31.52 -9.74 11.05
N ALA A 170 31.13 -10.38 12.15
CA ALA A 170 32.05 -10.67 13.28
C ALA A 170 31.69 -12.03 13.87
N THR A 171 32.59 -12.66 14.62
CA THR A 171 32.26 -13.96 15.26
C THR A 171 31.07 -13.76 16.19
N ARG A 172 31.10 -12.68 16.99
CA ARG A 172 29.95 -12.36 17.89
C ARG A 172 29.82 -10.83 17.99
N VAL A 173 28.59 -10.31 17.91
CA VAL A 173 28.33 -8.86 18.05
C VAL A 173 27.40 -8.71 19.26
N THR A 174 27.76 -7.85 20.22
CA THR A 174 26.90 -7.73 21.45
C THR A 174 26.44 -6.28 21.67
N GLU A 175 26.98 -5.32 20.91
CA GLU A 175 26.55 -3.95 21.12
C GLU A 175 26.85 -3.28 19.80
N LEU A 176 25.90 -2.50 19.30
CA LEU A 176 26.03 -1.88 17.98
C LEU A 176 25.28 -0.56 18.06
N LEU A 177 26.00 0.55 17.94
CA LEU A 177 25.40 1.87 18.09
C LEU A 177 25.68 2.69 16.85
N TYR A 178 24.62 3.18 16.20
CA TYR A 178 24.80 4.08 15.08
C TYR A 178 24.95 5.50 15.60
N ARG A 179 25.38 6.39 14.71
CA ARG A 179 25.51 7.80 15.04
C ARG A 179 25.34 8.35 13.65
N MET A 180 24.72 9.51 13.52
CA MET A 180 24.35 10.07 12.24
C MET A 180 25.15 11.36 12.27
N LYS A 181 26.28 11.39 11.58
CA LYS A 181 27.05 12.61 11.40
C LYS A 181 26.57 13.35 10.17
N ARG A 182 26.49 14.68 10.28
CA ARG A 182 26.20 15.54 9.14
C ARG A 182 24.83 15.26 8.57
N ALA A 183 23.83 15.25 9.43
CA ALA A 183 22.48 14.88 9.02
C ALA A 183 21.77 16.05 8.36
N GLU A 184 20.93 15.73 7.38
CA GLU A 184 20.11 16.71 6.68
C GLU A 184 18.87 15.97 6.21
N THR A 185 17.70 16.39 6.69
CA THR A 185 16.45 15.68 6.46
C THR A 185 15.49 16.57 5.69
N TYR A 186 14.75 15.99 4.76
CA TYR A 186 14.14 16.77 3.69
C TYR A 186 12.62 16.81 3.69
N CYS A 187 11.95 15.99 4.46
CA CYS A 187 10.50 16.16 4.53
C CYS A 187 10.02 15.88 5.95
N PRO A 188 8.96 16.50 6.41
CA PRO A 188 8.47 16.19 7.75
C PRO A 188 7.44 15.09 7.71
N ARG A 189 7.01 14.63 8.87
CA ARG A 189 6.14 13.49 9.01
C ARG A 189 5.77 13.40 10.48
N PRO A 190 4.63 12.84 10.85
CA PRO A 190 4.17 12.96 12.25
C PRO A 190 4.96 12.17 13.28
N LEU A 191 5.33 12.84 14.38
CA LEU A 191 5.72 12.18 15.62
C LEU A 191 4.48 11.97 16.48
N LEU A 192 4.56 11.02 17.40
CA LEU A 192 3.40 10.72 18.23
C LEU A 192 3.86 10.46 19.66
N ALA A 193 3.45 11.32 20.56
CA ALA A 193 3.79 11.14 21.96
C ALA A 193 2.90 10.07 22.58
N ILE A 194 3.35 9.54 23.71
CA ILE A 194 2.58 8.51 24.41
C ILE A 194 1.24 9.10 24.81
N HIS A 195 0.18 8.32 24.61
CA HIS A 195 -1.18 8.82 24.82
C HIS A 195 -1.61 8.52 26.24
N PRO A 196 -1.74 9.51 27.10
CA PRO A 196 -2.07 9.24 28.50
C PRO A 196 -3.56 9.14 28.75
N SER A 197 -3.91 9.02 30.03
CA SER A 197 -5.29 9.14 30.49
C SER A 197 -5.30 10.16 31.63
N GLU A 198 -6.51 10.57 32.01
CA GLU A 198 -6.70 11.57 33.07
C GLU A 198 -6.00 12.88 32.73
N ALA A 199 -5.89 13.16 31.43
CA ALA A 199 -5.47 14.46 30.91
C ALA A 199 -4.08 14.87 31.29
N ARG A 200 -3.28 13.95 31.83
CA ARG A 200 -1.91 14.29 32.25
C ARG A 200 -1.14 13.00 32.28
N HIS A 201 0.00 12.97 31.59
CA HIS A 201 0.89 11.80 31.59
C HIS A 201 1.81 11.91 32.79
N LYS A 202 1.33 11.43 33.93
CA LYS A 202 2.09 11.51 35.16
C LYS A 202 3.29 10.59 35.07
N GLN A 203 4.48 11.16 34.97
CA GLN A 203 5.72 10.40 35.06
C GLN A 203 6.30 10.56 36.45
N LYS A 204 7.42 9.88 36.69
CA LYS A 204 8.15 10.00 37.94
C LYS A 204 9.49 10.68 37.64
N ILE A 205 9.50 12.01 37.74
CA ILE A 205 10.70 12.78 37.46
C ILE A 205 11.71 12.56 38.56
N VAL A 206 13.00 12.57 38.19
CA VAL A 206 14.05 12.38 39.19
C VAL A 206 13.95 13.45 40.25
N ALA A 207 14.10 13.04 41.51
CA ALA A 207 14.02 13.98 42.62
C ALA A 207 14.70 13.35 43.83
N PRO A 208 15.54 14.10 44.56
CA PRO A 208 16.25 13.59 45.73
C PRO A 208 15.32 13.11 46.83
N ARG B 13 -12.22 36.97 -5.07
CA ARG B 13 -11.06 36.09 -5.07
C ARG B 13 -11.17 35.04 -6.16
N ILE B 14 -11.30 35.48 -7.39
CA ILE B 14 -11.35 34.57 -8.53
C ILE B 14 -9.94 34.11 -8.85
N LEU B 15 -9.79 32.84 -9.21
CA LEU B 15 -8.47 32.27 -9.50
C LEU B 15 -8.60 31.34 -10.69
N THR B 16 -8.26 31.83 -11.87
CA THR B 16 -8.49 31.11 -13.12
C THR B 16 -7.17 30.47 -13.56
N THR B 17 -6.89 29.28 -13.03
CA THR B 17 -5.66 28.59 -13.40
C THR B 17 -5.75 28.11 -14.84
N ARG B 18 -4.62 27.60 -15.34
CA ARG B 18 -4.58 27.09 -16.68
C ARG B 18 -3.39 26.14 -16.71
N ASN B 19 -3.53 25.03 -17.44
CA ASN B 19 -2.44 24.11 -17.65
C ASN B 19 -2.66 23.63 -19.09
N GLY B 20 -1.75 23.96 -19.99
CA GLY B 20 -1.92 23.60 -21.37
C GLY B 20 -3.08 24.33 -21.98
N HIS B 21 -4.10 23.58 -22.40
CA HIS B 21 -5.29 24.14 -23.02
C HIS B 21 -6.53 23.94 -22.17
N THR B 22 -6.38 23.49 -20.94
CA THR B 22 -7.52 23.12 -20.11
C THR B 22 -7.51 24.01 -18.87
N THR B 23 -8.23 25.12 -18.92
CA THR B 23 -8.31 26.01 -17.78
C THR B 23 -9.17 25.39 -16.68
N SER B 24 -9.28 26.11 -15.56
CA SER B 24 -10.19 25.74 -14.50
C SER B 24 -10.42 27.15 -13.97
N THR B 25 -11.60 27.42 -13.47
CA THR B 25 -11.98 28.74 -13.00
C THR B 25 -12.71 28.41 -11.71
N THR B 26 -12.42 29.17 -10.67
CA THR B 26 -13.10 29.02 -9.39
C THR B 26 -13.27 30.39 -8.76
N GLN B 27 -14.47 30.70 -8.32
CA GLN B 27 -14.77 32.01 -7.77
C GLN B 27 -14.76 32.04 -6.25
N SER B 28 -14.13 31.06 -5.61
CA SER B 28 -14.01 31.03 -4.15
C SER B 28 -12.69 30.51 -3.66
N SER B 29 -11.69 30.37 -4.50
CA SER B 29 -10.34 29.95 -4.05
C SER B 29 -9.72 30.78 -2.96
N VAL B 30 -9.27 30.11 -1.91
CA VAL B 30 -8.56 30.80 -0.85
C VAL B 30 -7.12 31.12 -1.21
N GLY B 31 -6.57 30.44 -2.20
CA GLY B 31 -5.23 30.72 -2.68
C GLY B 31 -4.47 29.44 -2.98
N VAL B 32 -3.46 29.56 -3.85
CA VAL B 32 -2.60 28.43 -4.17
C VAL B 32 -1.67 28.15 -2.99
N THR B 33 -1.36 26.88 -2.77
CA THR B 33 -0.52 26.47 -1.64
C THR B 33 0.64 25.65 -2.16
N TYR B 34 1.75 26.31 -2.44
CA TYR B 34 2.95 25.60 -2.87
C TYR B 34 3.50 24.80 -1.70
N GLY B 35 3.71 23.51 -1.92
CA GLY B 35 4.23 22.62 -0.90
C GLY B 35 5.66 22.23 -1.23
N TYR B 36 6.56 22.50 -0.30
CA TYR B 36 7.95 22.10 -0.27
C TYR B 36 8.83 22.87 -1.25
N ALA B 37 8.27 23.66 -2.17
CA ALA B 37 9.08 24.37 -3.16
C ALA B 37 8.25 25.29 -4.03
N THR B 38 8.85 26.37 -4.49
CA THR B 38 8.17 27.28 -5.40
C THR B 38 8.33 26.86 -6.86
N ALA B 39 9.40 26.17 -7.21
CA ALA B 39 9.60 25.71 -8.58
C ALA B 39 10.56 24.53 -8.58
N GLU B 40 10.17 23.44 -9.22
CA GLU B 40 11.05 22.28 -9.35
C GLU B 40 12.30 22.66 -10.11
N ASP B 41 13.42 22.01 -9.77
CA ASP B 41 14.71 22.40 -10.29
C ASP B 41 15.55 21.17 -10.62
N PHE B 42 16.50 21.36 -11.54
CA PHE B 42 17.54 20.39 -11.84
C PHE B 42 17.18 19.09 -12.54
N VAL B 43 16.12 19.11 -13.34
CA VAL B 43 15.78 17.96 -14.17
C VAL B 43 16.93 17.31 -14.93
N SER B 44 17.76 18.12 -15.56
CA SER B 44 18.89 17.63 -16.33
C SER B 44 19.95 17.10 -15.37
N GLY B 45 20.03 15.78 -15.25
CA GLY B 45 20.89 15.18 -14.27
C GLY B 45 21.93 14.25 -14.88
N PRO B 46 22.80 13.70 -14.04
CA PRO B 46 23.80 12.74 -14.55
C PRO B 46 23.29 11.33 -14.66
N ASN B 47 22.21 10.97 -13.96
CA ASN B 47 21.69 9.60 -14.04
C ASN B 47 20.97 9.34 -15.33
N THR B 48 20.85 10.32 -16.20
CA THR B 48 20.58 10.11 -17.61
C THR B 48 21.70 10.81 -18.38
N SER B 49 21.92 10.38 -19.61
CA SER B 49 23.05 10.92 -20.35
C SER B 49 22.66 12.19 -21.08
N GLY B 50 21.62 12.85 -20.59
CA GLY B 50 21.03 13.95 -21.33
C GLY B 50 19.99 13.51 -22.33
N LEU B 51 19.58 12.25 -22.30
CA LEU B 51 18.58 11.72 -23.22
C LEU B 51 17.15 12.05 -22.80
N GLU B 52 16.96 12.90 -21.80
CA GLU B 52 15.61 13.23 -21.38
C GLU B 52 15.01 14.29 -22.27
N THR B 53 13.71 14.18 -22.52
CA THR B 53 12.94 15.20 -23.20
C THR B 53 11.80 15.65 -22.32
N ARG B 54 11.34 16.86 -22.52
CA ARG B 54 10.26 17.43 -21.72
C ARG B 54 8.98 17.37 -22.53
N VAL B 55 8.11 16.42 -22.21
CA VAL B 55 6.79 16.39 -22.80
C VAL B 55 6.02 17.62 -22.34
N VAL B 56 5.36 18.29 -23.28
CA VAL B 56 4.63 19.51 -22.96
C VAL B 56 3.17 19.45 -23.37
N GLN B 57 2.78 18.56 -24.26
CA GLN B 57 1.38 18.35 -24.60
C GLN B 57 0.70 17.36 -23.65
N ALA B 58 1.28 17.13 -22.47
CA ALA B 58 0.70 16.23 -21.49
C ALA B 58 0.57 16.87 -20.12
N GLU B 59 0.59 18.20 -20.03
CA GLU B 59 0.33 18.90 -18.79
C GLU B 59 -1.08 19.47 -18.84
N ARG B 60 -2.05 18.64 -18.50
CA ARG B 60 -3.43 19.05 -18.60
C ARG B 60 -4.22 18.38 -17.49
N PHE B 61 -5.27 19.06 -17.06
CA PHE B 61 -6.08 18.53 -15.97
C PHE B 61 -6.76 17.23 -16.38
N PHE B 62 -7.08 16.41 -15.39
CA PHE B 62 -7.91 15.23 -15.62
C PHE B 62 -8.68 14.92 -14.35
N LYS B 63 -9.99 14.86 -14.46
CA LYS B 63 -10.85 14.68 -13.29
C LYS B 63 -10.70 13.27 -12.76
N THR B 64 -10.83 13.13 -11.44
CA THR B 64 -10.90 11.83 -10.77
C THR B 64 -11.87 11.95 -9.61
N HIS B 65 -13.06 11.37 -9.75
CA HIS B 65 -14.01 11.35 -8.65
C HIS B 65 -13.39 10.63 -7.45
N LEU B 66 -13.37 11.30 -6.29
CA LEU B 66 -12.71 10.74 -5.12
C LEU B 66 -13.56 9.97 -4.13
N PHE B 67 -14.68 10.54 -3.68
CA PHE B 67 -15.47 9.89 -2.65
C PHE B 67 -16.73 10.68 -2.34
N ASP B 68 -17.63 10.08 -1.58
CA ASP B 68 -18.94 10.67 -1.29
C ASP B 68 -18.94 11.14 0.16
N TRP B 69 -18.69 12.43 0.37
CA TRP B 69 -18.56 12.97 1.73
C TRP B 69 -20.05 12.91 2.02
N VAL B 70 -20.41 12.06 2.95
CA VAL B 70 -21.80 11.84 3.30
C VAL B 70 -21.73 12.20 4.77
N THR B 71 -22.88 12.62 5.34
CA THR B 71 -22.89 13.19 6.68
C THR B 71 -22.40 12.21 7.74
N SER B 72 -22.56 10.91 7.51
CA SER B 72 -22.21 9.92 8.54
C SER B 72 -20.81 9.52 8.08
N ASP B 73 -19.85 10.40 8.36
CA ASP B 73 -18.44 10.16 8.04
C ASP B 73 -17.73 10.74 9.24
N PRO B 74 -17.26 9.90 10.14
CA PRO B 74 -16.64 10.42 11.37
C PRO B 74 -15.34 11.13 11.09
N PHE B 75 -14.70 11.64 12.14
CA PHE B 75 -13.36 12.18 12.00
C PHE B 75 -12.43 11.12 11.40
N GLY B 76 -11.47 11.57 10.61
CA GLY B 76 -10.41 10.69 10.19
C GLY B 76 -10.80 9.62 9.20
N ARG B 77 -11.93 9.79 8.52
CA ARG B 77 -12.28 8.93 7.40
C ARG B 77 -11.66 9.53 6.15
N CYS B 78 -10.48 9.05 5.78
CA CYS B 78 -9.71 9.64 4.71
C CYS B 78 -9.70 8.71 3.51
N TYR B 79 -9.66 9.30 2.33
CA TYR B 79 -9.64 8.54 1.08
C TYR B 79 -8.35 8.84 0.35
N GLN B 80 -7.42 7.88 0.35
CA GLN B 80 -6.07 8.03 -0.23
C GLN B 80 -6.07 7.64 -1.71
N LEU B 81 -5.56 8.54 -2.56
CA LEU B 81 -5.35 8.33 -4.02
C LEU B 81 -3.83 8.21 -4.20
N GLU B 82 -3.37 7.21 -4.97
CA GLU B 82 -1.91 7.07 -5.22
C GLU B 82 -1.58 7.83 -6.51
N LEU B 83 -0.81 8.92 -6.42
CA LEU B 83 -0.48 9.71 -7.64
C LEU B 83 0.93 9.34 -8.12
N PRO B 84 1.12 8.95 -9.41
CA PRO B 84 0.14 9.19 -10.47
C PRO B 84 -0.90 8.07 -10.57
N THR B 85 -2.19 8.46 -10.64
CA THR B 85 -3.31 7.49 -10.73
C THR B 85 -3.42 6.97 -12.16
N ASP B 86 -4.13 5.85 -12.35
CA ASP B 86 -4.27 5.28 -13.71
C ASP B 86 -4.87 6.35 -14.62
N HIS B 87 -4.28 6.55 -15.79
CA HIS B 87 -4.71 7.62 -16.73
C HIS B 87 -4.89 7.02 -18.13
N LYS B 88 -5.54 7.75 -19.04
CA LYS B 88 -5.72 7.40 -20.47
C LYS B 88 -5.49 8.67 -21.32
N GLY B 89 -5.38 8.55 -22.65
CA GLY B 89 -5.19 9.75 -23.48
C GLY B 89 -3.73 10.07 -23.78
N VAL B 90 -3.39 11.35 -23.92
CA VAL B 90 -2.00 11.79 -24.25
C VAL B 90 -1.06 11.34 -23.12
N TYR B 91 -1.48 11.54 -21.88
CA TYR B 91 -0.72 11.04 -20.70
C TYR B 91 -1.21 9.59 -20.43
N GLY B 92 -0.59 8.85 -19.51
CA GLY B 92 -1.06 7.46 -19.40
C GLY B 92 -0.32 6.73 -20.50
N SER B 93 -0.39 7.29 -21.72
CA SER B 93 0.48 6.75 -22.79
C SER B 93 1.96 7.06 -22.53
N LEU B 94 2.28 8.23 -21.98
CA LEU B 94 3.71 8.57 -21.72
C LEU B 94 4.28 7.54 -20.74
N THR B 95 3.53 7.20 -19.69
CA THR B 95 3.97 6.18 -18.71
C THR B 95 4.08 4.83 -19.42
N ASP B 96 3.14 4.54 -20.32
CA ASP B 96 3.09 3.26 -21.08
C ASP B 96 4.29 3.15 -22.04
N SER B 97 4.96 4.26 -22.36
CA SER B 97 6.09 4.20 -23.28
C SER B 97 7.45 4.63 -22.73
N TYR B 98 7.51 5.10 -21.50
CA TYR B 98 8.79 5.54 -20.96
C TYR B 98 9.22 4.81 -19.69
N ALA B 99 10.43 4.28 -19.71
CA ALA B 99 10.95 3.55 -18.58
C ALA B 99 11.09 4.46 -17.37
N TYR B 100 11.58 5.68 -17.59
CA TYR B 100 11.73 6.64 -16.52
C TYR B 100 10.96 7.89 -16.84
N MET B 101 10.12 8.31 -15.91
CA MET B 101 9.29 9.49 -16.10
C MET B 101 9.44 10.38 -14.89
N ARG B 102 9.14 11.66 -15.03
CA ARG B 102 9.30 12.55 -13.89
C ARG B 102 8.37 13.74 -14.04
N ASN B 103 7.64 14.07 -12.98
CA ASN B 103 6.70 15.18 -13.08
C ASN B 103 6.29 15.64 -11.70
N GLY B 104 6.12 16.95 -11.56
CA GLY B 104 5.58 17.54 -10.35
C GLY B 104 4.10 17.82 -10.53
N TRP B 105 3.34 17.64 -9.45
CA TRP B 105 1.90 17.62 -9.54
C TRP B 105 1.29 18.98 -9.24
N ASP B 106 0.02 19.11 -9.59
CA ASP B 106 -0.76 20.31 -9.34
C ASP B 106 -2.05 19.55 -9.11
N VAL B 107 -2.72 19.80 -8.00
CA VAL B 107 -3.85 19.01 -7.56
C VAL B 107 -4.84 20.08 -7.16
N GLU B 108 -6.08 19.93 -7.61
CA GLU B 108 -7.15 20.86 -7.27
C GLU B 108 -8.41 20.05 -6.99
N VAL B 109 -8.65 19.73 -5.71
CA VAL B 109 -9.89 19.02 -5.29
C VAL B 109 -11.01 20.07 -5.25
N THR B 110 -12.09 19.85 -6.01
CA THR B 110 -13.19 20.86 -6.06
C THR B 110 -14.47 20.34 -5.40
N ALA B 111 -14.42 20.02 -4.10
CA ALA B 111 -15.67 19.59 -3.42
C ALA B 111 -16.62 20.80 -3.45
N VAL B 112 -17.89 20.58 -3.78
CA VAL B 112 -18.83 21.74 -3.91
C VAL B 112 -19.94 21.64 -2.85
N GLY B 113 -20.14 22.74 -2.10
CA GLY B 113 -21.18 22.78 -1.05
C GLY B 113 -22.13 23.95 -1.25
N ASN B 114 -23.20 24.00 -0.45
CA ASN B 114 -24.21 25.03 -0.51
C ASN B 114 -24.01 26.10 0.52
N GLN B 115 -22.78 26.30 0.99
CA GLN B 115 -22.36 27.35 1.91
C GLN B 115 -23.28 27.38 3.13
N PHE B 116 -23.96 26.28 3.43
CA PHE B 116 -24.72 26.13 4.66
C PHE B 116 -24.32 24.81 5.29
N ASN B 117 -23.29 24.18 4.73
CA ASN B 117 -22.78 22.87 5.23
C ASN B 117 -21.54 23.13 6.11
N GLY B 118 -21.50 22.52 7.29
CA GLY B 118 -20.37 22.71 8.22
C GLY B 118 -19.54 21.45 8.39
N GLY B 119 -18.21 21.59 8.27
CA GLY B 119 -17.29 20.44 8.43
C GLY B 119 -16.00 21.16 8.08
N CYS B 120 -14.85 20.54 8.33
CA CYS B 120 -13.56 21.20 8.02
C CYS B 120 -13.01 19.95 7.34
N LEU B 121 -12.85 20.00 6.02
CA LEU B 121 -12.29 18.87 5.29
C LEU B 121 -10.87 19.21 4.89
N LEU B 122 -9.92 18.36 5.27
CA LEU B 122 -8.51 18.64 5.12
C LEU B 122 -7.94 17.82 3.98
N VAL B 123 -7.35 18.50 3.01
CA VAL B 123 -6.78 17.86 1.82
C VAL B 123 -5.27 18.02 1.88
N ALA B 124 -4.55 16.90 1.77
CA ALA B 124 -3.10 16.93 1.89
C ALA B 124 -2.48 16.08 0.80
N MET B 125 -1.32 16.52 0.31
CA MET B 125 -0.54 15.78 -0.68
C MET B 125 0.70 15.24 0.00
N VAL B 126 0.61 14.03 0.53
CA VAL B 126 1.67 13.48 1.35
C VAL B 126 2.66 12.73 0.47
N PRO B 127 3.95 12.74 0.79
CA PRO B 127 4.90 11.95 0.00
C PRO B 127 5.05 10.53 0.54
N GLU B 128 5.00 9.55 -0.36
CA GLU B 128 5.17 8.15 -0.01
C GLU B 128 4.33 7.67 1.18
N LEU B 129 3.04 7.93 1.10
CA LEU B 129 2.13 7.38 2.09
C LEU B 129 2.17 5.85 2.10
N CYS B 130 2.68 5.28 3.18
CA CYS B 130 2.64 3.84 3.37
C CYS B 130 1.66 3.46 4.46
N SER B 131 1.72 4.10 5.63
CA SER B 131 0.87 3.73 6.75
C SER B 131 0.72 4.96 7.64
N ILE B 132 -0.52 5.40 7.84
CA ILE B 132 -0.85 6.39 8.85
C ILE B 132 -1.86 5.78 9.79
N ASP B 133 -1.44 5.47 11.01
CA ASP B 133 -2.36 4.98 12.02
C ASP B 133 -3.32 6.09 12.43
N LYS B 134 -4.42 5.69 13.09
CA LYS B 134 -5.48 6.62 13.41
C LYS B 134 -4.97 7.87 14.10
N ARG B 135 -3.84 7.77 14.81
CA ARG B 135 -3.36 8.92 15.56
C ARG B 135 -2.60 9.89 14.68
N GLY B 136 -1.80 9.39 13.74
CA GLY B 136 -1.04 10.24 12.84
C GLY B 136 -1.87 11.25 12.08
N LEU B 137 -3.16 10.96 11.95
CA LEU B 137 -4.05 11.91 11.29
C LEU B 137 -4.07 13.24 12.01
N TYR B 138 -3.90 13.24 13.33
CA TYR B 138 -3.94 14.50 14.08
C TYR B 138 -2.79 15.40 13.70
N GLN B 139 -1.67 14.84 13.27
CA GLN B 139 -0.53 15.64 12.83
C GLN B 139 -0.37 15.66 11.33
N LEU B 140 -1.28 15.04 10.60
CA LEU B 140 -1.22 15.06 9.14
C LEU B 140 -1.17 16.49 8.60
N THR B 141 -1.58 17.47 9.40
CA THR B 141 -1.48 18.87 8.97
C THR B 141 -0.14 19.27 8.39
N LEU B 142 0.96 18.78 8.95
CA LEU B 142 2.30 19.22 8.54
C LEU B 142 2.29 18.30 7.32
N PHE B 143 1.88 18.89 6.20
CA PHE B 143 2.03 18.41 4.83
C PHE B 143 1.41 19.49 3.96
N PRO B 144 1.84 19.62 2.71
CA PRO B 144 1.20 20.61 1.84
C PRO B 144 -0.30 20.37 1.80
N HIS B 145 -1.09 21.28 2.37
CA HIS B 145 -2.47 20.99 2.64
C HIS B 145 -3.30 22.25 2.55
N GLN B 146 -4.62 22.07 2.56
CA GLN B 146 -5.56 23.18 2.53
C GLN B 146 -6.90 22.66 3.02
N PHE B 147 -7.53 23.40 3.91
CA PHE B 147 -8.86 23.03 4.37
C PHE B 147 -9.90 23.50 3.38
N ILE B 148 -10.99 22.74 3.25
CA ILE B 148 -12.06 23.13 2.27
C ILE B 148 -13.42 23.09 2.97
N ASN B 149 -13.55 23.73 4.13
CA ASN B 149 -14.88 23.77 4.79
C ASN B 149 -15.80 24.55 3.87
N PRO B 150 -17.05 24.10 3.62
CA PRO B 150 -17.97 24.77 2.68
C PRO B 150 -18.30 26.22 3.03
N ARG B 151 -18.32 26.55 4.33
CA ARG B 151 -18.70 27.91 4.79
C ARG B 151 -17.75 28.97 4.22
N THR B 152 -16.43 28.74 4.20
CA THR B 152 -15.50 29.78 3.70
C THR B 152 -15.16 29.62 2.21
N ASN B 153 -15.18 28.39 1.67
CA ASN B 153 -14.80 28.17 0.25
C ASN B 153 -15.20 26.77 -0.21
N MET B 154 -14.66 26.32 -1.35
CA MET B 154 -14.93 24.98 -1.85
C MET B 154 -13.69 24.33 -2.46
N THR B 155 -12.68 25.06 -2.86
CA THR B 155 -11.63 24.66 -3.77
C THR B 155 -10.31 24.63 -3.01
N ALA B 156 -9.69 23.46 -2.94
CA ALA B 156 -8.33 23.34 -2.44
C ALA B 156 -7.39 23.12 -3.61
N HIS B 157 -6.34 23.94 -3.68
CA HIS B 157 -5.45 23.98 -4.84
C HIS B 157 -4.01 23.86 -4.37
N ILE B 158 -3.52 22.65 -4.22
CA ILE B 158 -2.15 22.39 -3.81
C ILE B 158 -1.31 22.15 -5.05
N THR B 159 -0.08 22.64 -5.05
CA THR B 159 0.88 22.30 -6.09
C THR B 159 2.16 21.85 -5.42
N VAL B 160 2.71 20.72 -5.88
CA VAL B 160 3.87 20.12 -5.25
C VAL B 160 4.93 19.85 -6.30
N PRO B 161 6.20 19.82 -5.95
CA PRO B 161 7.23 19.44 -6.92
C PRO B 161 7.44 17.94 -6.90
N PHE B 162 8.41 17.45 -7.65
CA PHE B 162 8.74 16.03 -7.63
C PHE B 162 9.69 15.75 -6.48
N VAL B 163 9.27 14.91 -5.54
CA VAL B 163 10.13 14.47 -4.45
C VAL B 163 10.40 12.99 -4.62
N GLY B 164 11.65 12.61 -4.45
CA GLY B 164 12.04 11.22 -4.63
C GLY B 164 13.51 11.08 -4.32
N VAL B 165 13.92 9.82 -4.20
CA VAL B 165 15.30 9.48 -3.87
C VAL B 165 16.12 9.43 -5.16
N ASN B 166 15.51 9.80 -6.28
CA ASN B 166 16.14 9.71 -7.58
C ASN B 166 15.72 10.92 -8.40
N ARG B 167 16.58 11.32 -9.35
CA ARG B 167 16.17 12.37 -10.29
C ARG B 167 14.86 11.99 -10.94
N TYR B 168 14.84 10.85 -11.63
CA TYR B 168 13.69 10.34 -12.33
C TYR B 168 13.14 9.15 -11.58
N ASP B 169 12.01 8.63 -12.04
CA ASP B 169 11.34 7.59 -11.28
C ASP B 169 10.65 6.64 -12.23
N GLN B 170 10.46 5.39 -11.78
CA GLN B 170 9.71 4.36 -12.54
C GLN B 170 8.32 4.31 -11.92
N TYR B 171 7.31 4.77 -12.65
CA TYR B 171 5.93 4.86 -12.10
C TYR B 171 5.33 3.51 -11.72
N LYS B 172 5.59 2.44 -12.47
CA LYS B 172 4.96 1.15 -12.09
C LYS B 172 5.43 0.72 -10.70
N VAL B 173 6.74 0.75 -10.44
CA VAL B 173 7.31 0.34 -9.12
C VAL B 173 7.00 1.35 -8.00
N HIS B 174 7.11 2.66 -8.27
CA HIS B 174 6.93 3.69 -7.22
C HIS B 174 5.85 4.70 -7.60
N LYS B 175 4.88 4.96 -6.70
CA LYS B 175 4.08 6.21 -6.76
C LYS B 175 4.48 7.11 -5.60
N PRO B 176 5.15 8.26 -5.84
CA PRO B 176 5.60 9.16 -4.77
C PRO B 176 4.56 9.92 -3.94
N TRP B 177 3.47 10.40 -4.56
CA TRP B 177 2.47 11.24 -3.85
C TRP B 177 1.15 10.52 -3.59
N THR B 178 0.63 10.66 -2.37
CA THR B 178 -0.69 10.11 -1.95
C THR B 178 -1.59 11.29 -1.60
N LEU B 179 -2.65 11.52 -2.39
CA LEU B 179 -3.54 12.64 -2.23
C LEU B 179 -4.44 12.07 -1.14
N VAL B 180 -4.48 12.74 0.01
CA VAL B 180 -5.24 12.27 1.17
C VAL B 180 -6.25 13.34 1.53
N VAL B 181 -7.52 12.95 1.60
CA VAL B 181 -8.61 13.87 1.91
C VAL B 181 -9.28 13.33 3.17
N MET B 182 -8.89 13.85 4.32
CA MET B 182 -9.42 13.40 5.60
C MET B 182 -10.57 14.31 6.02
N VAL B 183 -11.63 13.71 6.56
CA VAL B 183 -12.81 14.43 7.01
C VAL B 183 -12.56 14.85 8.44
N VAL B 184 -12.25 16.14 8.65
CA VAL B 184 -11.86 16.60 9.97
C VAL B 184 -13.06 16.85 10.86
N ALA B 185 -14.13 17.45 10.35
CA ALA B 185 -15.31 17.69 11.13
C ALA B 185 -16.50 17.27 10.28
N PRO B 186 -17.30 16.33 10.73
CA PRO B 186 -18.32 15.73 9.86
C PRO B 186 -19.31 16.76 9.38
N LEU B 187 -19.85 16.47 8.19
CA LEU B 187 -20.77 17.35 7.43
C LEU B 187 -22.12 17.46 8.12
N THR B 188 -22.41 18.64 8.65
CA THR B 188 -23.72 18.86 9.29
C THR B 188 -24.52 19.73 8.32
N VAL B 189 -25.55 19.16 7.68
CA VAL B 189 -26.45 19.96 6.80
C VAL B 189 -27.56 20.48 7.72
N ASN B 190 -27.24 21.50 8.51
CA ASN B 190 -28.15 21.97 9.60
C ASN B 190 -29.52 22.44 9.10
N THR B 191 -29.60 23.30 8.07
CA THR B 191 -30.96 23.74 7.67
C THR B 191 -31.21 23.62 6.16
N GLU B 192 -30.17 23.76 5.35
CA GLU B 192 -30.36 23.71 3.88
C GLU B 192 -29.03 23.38 3.20
N GLY B 193 -28.39 22.29 3.64
CA GLY B 193 -27.13 21.83 3.04
C GLY B 193 -27.37 21.00 1.79
N ALA B 194 -26.32 20.70 1.02
CA ALA B 194 -26.38 19.49 0.17
C ALA B 194 -26.55 18.29 1.10
N PRO B 195 -27.45 17.33 0.81
CA PRO B 195 -27.65 16.17 1.69
C PRO B 195 -26.35 15.34 1.75
N GLN B 196 -25.72 15.16 0.59
CA GLN B 196 -24.44 14.40 0.48
C GLN B 196 -23.54 15.17 -0.47
N ILE B 197 -22.32 15.51 -0.03
CA ILE B 197 -21.43 16.34 -0.89
C ILE B 197 -20.39 15.43 -1.57
N LYS B 198 -20.40 15.40 -2.91
CA LYS B 198 -19.41 14.65 -3.66
C LYS B 198 -18.10 15.42 -3.68
N VAL B 199 -17.01 14.71 -3.99
CA VAL B 199 -15.68 15.31 -4.01
C VAL B 199 -14.95 14.83 -5.24
N TYR B 200 -14.54 15.78 -6.09
CA TYR B 200 -13.79 15.49 -7.29
C TYR B 200 -12.40 16.10 -7.19
N ALA B 201 -11.56 15.82 -8.18
CA ALA B 201 -10.17 16.26 -8.11
C ALA B 201 -9.69 16.56 -9.51
N ASN B 202 -9.20 17.77 -9.73
CA ASN B 202 -8.67 18.19 -11.03
C ASN B 202 -7.20 18.06 -10.65
N ILE B 203 -6.54 17.08 -11.23
CA ILE B 203 -5.16 16.80 -10.88
C ILE B 203 -4.50 17.05 -12.22
N ALA B 204 -3.30 17.59 -12.20
CA ALA B 204 -2.64 17.89 -13.47
C ALA B 204 -1.14 17.89 -13.34
N PRO B 205 -0.41 17.07 -14.10
CA PRO B 205 1.04 17.08 -14.04
C PRO B 205 1.60 18.43 -14.43
N THR B 206 2.82 18.69 -13.98
CA THR B 206 3.54 19.90 -14.37
C THR B 206 5.02 19.57 -14.44
N ASN B 207 5.71 20.19 -15.40
CA ASN B 207 7.13 19.96 -15.60
C ASN B 207 7.41 18.48 -15.87
N VAL B 208 6.60 17.89 -16.75
CA VAL B 208 6.79 16.50 -17.10
C VAL B 208 8.16 16.31 -17.74
N HIS B 209 8.66 15.09 -17.68
CA HIS B 209 9.89 14.71 -18.36
C HIS B 209 9.86 13.22 -18.57
N VAL B 210 10.64 12.74 -19.52
CA VAL B 210 10.68 11.32 -19.87
C VAL B 210 12.08 10.95 -20.29
N ALA B 211 12.34 9.64 -20.34
CA ALA B 211 13.63 9.14 -20.79
C ALA B 211 13.51 7.65 -21.08
N GLY B 212 14.38 7.16 -21.95
CA GLY B 212 14.45 5.73 -22.16
C GLY B 212 13.33 4.98 -22.82
N GLU B 213 12.85 5.46 -23.97
CA GLU B 213 11.74 4.83 -24.67
C GLU B 213 11.62 3.32 -24.74
N PHE B 214 10.53 2.79 -24.25
CA PHE B 214 10.31 1.35 -24.32
C PHE B 214 10.15 0.85 -25.75
N PRO B 215 10.54 -0.40 -26.01
CA PRO B 215 10.24 -1.00 -27.32
C PRO B 215 8.75 -1.09 -27.55
N SER B 216 8.38 -1.33 -28.80
CA SER B 216 6.99 -1.54 -29.13
C SER B 216 6.47 -2.82 -28.48
N LYS B 217 5.17 -3.03 -28.63
CA LYS B 217 4.55 -4.26 -28.16
C LYS B 217 3.97 -5.10 -29.28
N GLU B 218 3.40 -4.47 -30.30
CA GLU B 218 2.74 -5.19 -31.38
C GLU B 218 3.66 -6.18 -32.07
N GLY C 1 55.45 19.73 34.57
CA GLY C 1 54.25 18.98 34.29
C GLY C 1 54.29 18.31 32.94
N ILE C 2 53.92 17.05 32.90
CA ILE C 2 53.93 16.29 31.67
C ILE C 2 52.64 16.56 30.91
N PHE C 3 52.74 16.75 29.61
CA PHE C 3 51.58 17.03 28.78
C PHE C 3 50.55 15.91 28.89
N PRO C 4 49.35 16.16 29.40
CA PRO C 4 48.34 15.10 29.47
C PRO C 4 47.61 14.93 28.15
N VAL C 5 47.30 13.68 27.80
CA VAL C 5 46.68 13.37 26.53
C VAL C 5 45.28 12.78 26.72
N ALA C 6 45.08 11.95 27.74
CA ALA C 6 43.81 11.23 27.92
C ALA C 6 43.43 10.37 26.74
N CYS C 7 44.32 9.44 26.42
CA CYS C 7 44.13 8.52 25.29
C CYS C 7 42.74 7.92 25.29
N SER C 8 41.97 8.26 24.28
CA SER C 8 40.56 7.89 24.24
C SER C 8 40.40 6.42 23.93
N ASP C 9 39.17 5.95 24.00
CA ASP C 9 38.86 4.54 23.95
C ASP C 9 37.95 4.26 22.75
N GLY C 10 38.23 3.15 22.08
CA GLY C 10 37.53 2.81 20.86
C GLY C 10 38.26 3.16 19.59
N TYR C 11 39.46 3.72 19.69
CA TYR C 11 40.25 4.13 18.54
C TYR C 11 41.48 3.25 18.42
N GLY C 12 42.25 3.50 17.38
CA GLY C 12 43.56 2.90 17.24
C GLY C 12 43.57 1.40 17.08
N GLY C 13 42.49 0.82 16.57
CA GLY C 13 42.52 -0.55 16.13
C GLY C 13 42.99 -0.63 14.70
N LEU C 14 43.68 -1.71 14.38
CA LEU C 14 44.17 -1.86 13.01
C LEU C 14 43.01 -2.01 12.04
N VAL C 15 42.82 -1.02 11.20
CA VAL C 15 41.79 -1.03 10.18
C VAL C 15 42.48 -1.24 8.85
N THR C 16 42.14 -2.33 8.17
CA THR C 16 42.92 -2.76 7.02
C THR C 16 43.01 -1.68 5.94
N THR C 17 42.03 -0.79 5.81
CA THR C 17 42.15 0.33 4.89
C THR C 17 42.53 1.72 5.39
N ASP C 18 42.96 1.84 6.63
CA ASP C 18 43.23 3.15 7.21
C ASP C 18 44.17 4.02 6.41
N PRO C 19 44.07 5.35 6.58
CA PRO C 19 45.00 6.24 5.89
C PRO C 19 46.38 6.32 6.52
N LYS C 20 46.56 5.80 7.74
CA LYS C 20 47.85 5.91 8.40
C LYS C 20 48.94 5.22 7.60
N THR C 21 50.18 5.61 7.86
CA THR C 21 51.35 4.97 7.28
C THR C 21 52.10 4.25 8.37
N ALA C 22 52.77 3.16 8.01
CA ALA C 22 53.49 2.36 8.98
C ALA C 22 54.71 3.13 9.47
N ASP C 23 55.33 2.61 10.53
CA ASP C 23 56.49 3.25 11.14
C ASP C 23 57.75 2.72 10.51
N PRO C 24 58.65 3.59 10.07
CA PRO C 24 59.87 3.14 9.39
C PRO C 24 60.84 2.31 10.22
N ALA C 25 61.35 1.24 9.62
CA ALA C 25 62.31 0.35 10.28
C ALA C 25 63.68 0.38 9.58
N TYR C 26 63.69 0.74 8.31
CA TYR C 26 64.91 0.82 7.52
C TYR C 26 64.96 2.15 6.80
N GLY C 27 66.14 2.73 6.68
CA GLY C 27 66.25 4.02 6.00
C GLY C 27 67.44 4.23 5.10
N LYS C 28 67.30 5.20 4.20
CA LYS C 28 68.37 5.57 3.28
C LYS C 28 68.45 4.70 2.03
N VAL C 29 67.51 3.79 1.86
CA VAL C 29 67.52 2.94 0.68
C VAL C 29 67.33 3.84 -0.53
N PHE C 30 68.01 3.57 -1.64
CA PHE C 30 67.91 4.42 -2.82
C PHE C 30 67.61 3.51 -4.00
N ASN C 31 66.35 3.22 -4.24
CA ASN C 31 65.98 2.23 -5.24
C ASN C 31 66.47 2.65 -6.62
N PRO C 32 66.77 1.71 -7.50
CA PRO C 32 67.35 2.03 -8.80
C PRO C 32 66.39 2.85 -9.63
N PRO C 33 66.88 3.58 -10.64
CA PRO C 33 66.04 4.54 -11.35
C PRO C 33 64.91 3.91 -12.13
N ARG C 34 63.67 4.18 -11.71
CA ARG C 34 62.49 3.65 -12.37
C ARG C 34 61.91 4.58 -13.43
N ASN C 35 62.64 5.63 -13.83
CA ASN C 35 61.99 6.67 -14.61
C ASN C 35 61.92 6.29 -16.08
N MET C 36 60.86 6.78 -16.73
CA MET C 36 60.66 6.62 -18.18
C MET C 36 60.65 5.16 -18.61
N LEU C 37 60.01 4.31 -17.81
CA LEU C 37 59.73 2.96 -18.22
C LEU C 37 58.70 2.99 -19.37
N PRO C 38 58.67 1.96 -20.21
CA PRO C 38 57.85 2.04 -21.41
C PRO C 38 56.36 2.21 -21.18
N GLY C 39 55.72 1.28 -20.48
CA GLY C 39 54.27 1.32 -20.42
C GLY C 39 53.75 1.46 -19.01
N ARG C 40 53.13 2.60 -18.72
CA ARG C 40 52.70 2.90 -17.37
C ARG C 40 51.27 3.39 -17.39
N PHE C 41 50.42 2.77 -16.59
CA PHE C 41 49.01 3.14 -16.50
C PHE C 41 48.71 3.54 -15.08
N THR C 42 48.12 4.71 -14.90
CA THR C 42 47.89 5.18 -13.54
C THR C 42 46.68 4.51 -12.90
N ASN C 43 45.54 4.46 -13.58
CA ASN C 43 44.38 3.80 -13.01
C ASN C 43 43.74 2.90 -14.05
N PHE C 44 43.19 1.78 -13.58
CA PHE C 44 42.73 0.73 -14.47
C PHE C 44 41.65 1.16 -15.42
N LEU C 45 40.97 2.28 -15.15
CA LEU C 45 40.00 2.80 -16.09
C LEU C 45 40.65 3.56 -17.23
N ASP C 46 41.96 3.43 -17.39
CA ASP C 46 42.62 3.82 -18.63
C ASP C 46 42.86 2.61 -19.51
N VAL C 47 43.33 1.51 -18.91
CA VAL C 47 43.42 0.25 -19.64
C VAL C 47 42.05 -0.14 -20.17
N ALA C 48 41.04 -0.12 -19.30
CA ALA C 48 39.71 -0.54 -19.73
C ALA C 48 39.14 0.37 -20.79
N GLU C 49 39.47 1.66 -20.73
CA GLU C 49 38.89 2.65 -21.63
C GLU C 49 39.59 2.74 -22.98
N ALA C 50 40.88 2.43 -23.03
CA ALA C 50 41.65 2.55 -24.26
C ALA C 50 41.97 1.22 -24.92
N CYS C 51 41.76 0.09 -24.24
CA CYS C 51 42.04 -1.22 -24.81
C CYS C 51 40.81 -2.11 -24.70
N PRO C 52 40.03 -2.24 -25.77
CA PRO C 52 38.84 -3.06 -25.73
C PRO C 52 39.17 -4.54 -25.61
N THR C 53 38.17 -5.32 -25.20
CA THR C 53 38.35 -6.75 -25.04
C THR C 53 37.07 -7.45 -25.50
N PHE C 54 37.22 -8.72 -25.90
CA PHE C 54 36.10 -9.50 -26.50
C PHE C 54 34.98 -9.84 -25.50
N LEU C 55 33.83 -10.22 -26.04
CA LEU C 55 32.62 -10.59 -25.25
C LEU C 55 32.29 -12.07 -25.50
N HIS C 56 32.03 -12.82 -24.41
CA HIS C 56 31.66 -14.25 -24.54
C HIS C 56 30.27 -14.36 -25.18
N PHE C 57 30.01 -15.41 -25.94
CA PHE C 57 28.69 -15.60 -26.63
C PHE C 57 28.12 -16.98 -26.32
N GLU C 58 26.89 -17.23 -26.79
CA GLU C 58 26.20 -18.55 -26.65
C GLU C 58 27.20 -19.60 -27.16
N GLY C 59 27.53 -19.53 -28.45
CA GLY C 59 28.65 -20.37 -28.94
C GLY C 59 29.87 -19.71 -28.34
N ASP C 60 30.77 -20.46 -27.71
CA ASP C 60 31.91 -19.83 -27.00
C ASP C 60 32.67 -18.65 -27.63
N VAL C 61 32.79 -18.60 -28.96
CA VAL C 61 33.45 -17.41 -29.58
C VAL C 61 33.22 -15.91 -29.43
N PRO C 62 34.20 -15.04 -29.76
CA PRO C 62 34.04 -13.59 -29.64
C PRO C 62 33.02 -13.03 -30.65
N TYR C 63 32.97 -13.60 -31.85
CA TYR C 63 32.04 -13.16 -32.93
C TYR C 63 30.64 -13.73 -32.74
N VAL C 64 29.74 -13.37 -33.67
CA VAL C 64 28.34 -13.78 -33.72
C VAL C 64 27.99 -14.07 -35.17
N THR C 65 28.05 -15.34 -35.55
CA THR C 65 27.79 -15.74 -36.93
C THR C 65 26.41 -15.32 -37.37
N THR C 66 26.31 -14.72 -38.56
CA THR C 66 25.05 -14.19 -39.04
C THR C 66 24.01 -15.29 -39.18
N LYS C 67 22.79 -15.01 -38.74
CA LYS C 67 21.69 -15.92 -38.91
C LYS C 67 21.19 -15.85 -40.35
N THR C 68 20.48 -16.88 -40.78
CA THR C 68 20.33 -17.09 -42.21
C THR C 68 18.82 -17.11 -42.36
N ASP C 69 18.11 -18.15 -41.93
CA ASP C 69 16.72 -18.30 -42.35
C ASP C 69 15.58 -17.35 -42.08
N SER C 70 15.23 -17.07 -40.83
CA SER C 70 14.16 -16.13 -40.55
C SER C 70 14.34 -15.25 -39.33
N ASP C 71 15.27 -15.57 -38.44
CA ASP C 71 15.33 -14.89 -37.16
C ASP C 71 16.42 -13.85 -37.25
N ARG C 72 16.07 -12.61 -36.91
CA ARG C 72 16.97 -11.49 -37.09
C ARG C 72 17.70 -11.10 -35.82
N VAL C 73 17.37 -11.70 -34.68
CA VAL C 73 18.09 -11.39 -33.46
C VAL C 73 19.37 -12.22 -33.42
N LEU C 74 20.50 -11.54 -33.21
CA LEU C 74 21.79 -12.21 -33.11
C LEU C 74 22.19 -12.46 -31.67
N ALA C 75 22.09 -11.44 -30.83
CA ALA C 75 22.41 -11.58 -29.42
C ALA C 75 21.56 -10.59 -28.65
N GLN C 76 21.21 -10.98 -27.42
CA GLN C 76 20.43 -10.13 -26.54
C GLN C 76 20.79 -10.50 -25.12
N PHE C 77 21.34 -9.56 -24.38
CA PHE C 77 21.89 -9.88 -23.07
C PHE C 77 21.60 -8.74 -22.11
N ASP C 78 21.51 -9.08 -20.83
CA ASP C 78 21.30 -8.06 -19.81
C ASP C 78 22.49 -7.11 -19.78
N LEU C 79 22.25 -5.90 -19.33
CA LEU C 79 23.33 -4.92 -19.32
C LEU C 79 24.21 -5.01 -18.08
N SER C 80 23.80 -5.76 -17.06
CA SER C 80 24.62 -5.87 -15.86
C SER C 80 25.97 -6.47 -16.21
N LEU C 81 27.02 -5.96 -15.56
CA LEU C 81 28.37 -6.40 -15.85
C LEU C 81 28.65 -7.85 -15.46
N ALA C 82 27.75 -8.48 -14.72
CA ALA C 82 27.81 -9.91 -14.52
C ALA C 82 27.33 -10.83 -15.64
N ALA C 83 26.85 -10.26 -16.74
CA ALA C 83 26.26 -11.07 -17.79
C ALA C 83 27.26 -12.07 -18.33
N LYS C 84 26.76 -13.26 -18.67
CA LYS C 84 27.63 -14.28 -19.24
C LYS C 84 28.28 -13.81 -20.52
N HIS C 85 27.56 -13.00 -21.31
CA HIS C 85 28.12 -12.49 -22.56
C HIS C 85 29.29 -11.57 -22.32
N MET C 86 29.33 -10.89 -21.17
CA MET C 86 30.39 -9.93 -20.88
C MET C 86 31.30 -10.40 -19.77
N SER C 87 31.20 -11.66 -19.35
CA SER C 87 31.98 -12.10 -18.20
C SER C 87 33.47 -12.18 -18.50
N ASN C 88 33.85 -12.31 -19.76
CA ASN C 88 35.26 -12.52 -20.08
C ASN C 88 36.01 -11.23 -20.37
N THR C 89 35.32 -10.10 -20.51
CA THR C 89 36.01 -8.88 -20.86
C THR C 89 36.73 -8.29 -19.66
N PHE C 90 37.78 -7.51 -19.95
CA PHE C 90 38.53 -6.84 -18.90
C PHE C 90 37.64 -5.89 -18.10
N LEU C 91 36.60 -5.35 -18.74
CA LEU C 91 35.70 -4.45 -18.03
C LEU C 91 35.01 -5.17 -16.88
N ALA C 92 34.36 -6.29 -17.17
CA ALA C 92 33.72 -7.04 -16.08
C ALA C 92 34.76 -7.60 -15.13
N GLY C 93 35.92 -8.01 -15.64
CA GLY C 93 36.96 -8.51 -14.76
C GLY C 93 37.36 -7.47 -13.72
N LEU C 94 37.43 -6.21 -14.12
CA LEU C 94 37.73 -5.14 -13.18
C LEU C 94 36.52 -4.77 -12.33
N ALA C 95 35.32 -4.93 -12.87
CA ALA C 95 34.11 -4.56 -12.15
C ALA C 95 33.63 -5.64 -11.19
N GLN C 96 34.34 -6.77 -11.09
CA GLN C 96 34.06 -7.68 -9.98
C GLN C 96 34.34 -7.01 -8.65
N TYR C 97 35.48 -6.33 -8.54
CA TYR C 97 35.95 -5.83 -7.26
C TYR C 97 35.33 -4.51 -6.86
N TYR C 98 34.61 -3.85 -7.75
CA TYR C 98 33.91 -2.64 -7.38
C TYR C 98 32.42 -2.94 -7.27
N THR C 99 31.69 -2.04 -6.64
CA THR C 99 30.29 -2.27 -6.38
C THR C 99 29.36 -1.57 -7.35
N GLN C 100 29.61 -0.31 -7.65
CA GLN C 100 28.66 0.49 -8.41
C GLN C 100 29.37 1.19 -9.55
N TYR C 101 29.01 0.84 -10.77
CA TYR C 101 29.49 1.52 -11.96
C TYR C 101 28.53 2.65 -12.31
N SER C 102 29.03 3.62 -13.08
CA SER C 102 28.15 4.72 -13.45
C SER C 102 28.02 5.00 -14.93
N GLY C 103 29.12 5.16 -15.65
CA GLY C 103 29.05 6.03 -16.81
C GLY C 103 28.51 5.56 -18.14
N THR C 104 29.07 4.51 -18.74
CA THR C 104 28.83 4.22 -20.15
C THR C 104 29.55 2.91 -20.41
N ILE C 105 29.23 2.29 -21.54
CA ILE C 105 29.90 1.06 -21.93
C ILE C 105 29.84 1.14 -23.45
N ASN C 106 31.00 1.01 -24.09
CA ASN C 106 31.07 1.02 -25.54
C ASN C 106 31.10 -0.41 -26.05
N LEU C 107 30.49 -0.63 -27.21
CA LEU C 107 30.50 -1.93 -27.85
C LEU C 107 31.04 -1.77 -29.26
N HIS C 108 32.20 -2.36 -29.53
CA HIS C 108 32.87 -2.22 -30.81
C HIS C 108 32.58 -3.44 -31.67
N PHE C 109 31.62 -3.29 -32.58
CA PHE C 109 31.23 -4.38 -33.49
C PHE C 109 31.98 -4.22 -34.81
N MET C 110 33.03 -5.02 -35.02
CA MET C 110 33.77 -4.94 -36.30
C MET C 110 33.40 -6.18 -37.12
N PHE C 111 32.88 -5.97 -38.33
CA PHE C 111 32.43 -7.09 -39.19
C PHE C 111 33.63 -7.63 -39.99
N THR C 112 33.95 -8.92 -39.79
CA THR C 112 35.06 -9.55 -40.53
C THR C 112 34.49 -10.55 -41.51
N GLY C 113 34.67 -10.33 -42.82
CA GLY C 113 34.14 -11.28 -43.80
C GLY C 113 34.57 -10.91 -45.20
N PRO C 114 33.97 -11.49 -46.26
CA PRO C 114 34.33 -11.15 -47.63
C PRO C 114 33.82 -9.73 -47.95
N THR C 115 34.45 -9.08 -48.93
CA THR C 115 34.11 -7.68 -49.32
C THR C 115 32.65 -7.57 -49.79
N ASP C 116 32.14 -8.60 -50.46
CA ASP C 116 30.77 -8.63 -51.03
C ASP C 116 29.70 -8.97 -49.97
N ALA C 117 30.07 -9.24 -48.71
CA ALA C 117 29.04 -9.63 -47.72
C ALA C 117 27.99 -8.54 -47.55
N LYS C 118 28.41 -7.28 -47.38
CA LYS C 118 27.46 -6.13 -47.31
C LYS C 118 26.28 -6.36 -46.35
N ALA C 119 26.52 -6.76 -45.09
CA ALA C 119 25.40 -6.98 -44.14
C ALA C 119 24.97 -5.64 -43.50
N ARG C 120 23.84 -5.63 -42.78
CA ARG C 120 23.36 -4.40 -42.15
C ARG C 120 22.74 -4.76 -40.82
N TYR C 121 23.35 -4.30 -39.73
CA TYR C 121 22.95 -4.70 -38.39
C TYR C 121 22.25 -3.57 -37.67
N MET C 122 21.80 -3.85 -36.45
CA MET C 122 21.21 -2.85 -35.58
C MET C 122 21.40 -3.27 -34.13
N ILE C 123 21.74 -2.32 -33.28
CA ILE C 123 21.81 -2.53 -31.85
C ILE C 123 20.85 -1.56 -31.18
N ALA C 124 20.12 -2.04 -30.17
CA ALA C 124 19.13 -1.24 -29.49
C ALA C 124 19.14 -1.54 -28.01
N TYR C 125 19.06 -0.50 -27.20
CA TYR C 125 19.12 -0.62 -25.75
C TYR C 125 17.71 -0.52 -25.20
N ALA C 126 17.15 -1.66 -24.76
CA ALA C 126 15.78 -1.69 -24.28
C ALA C 126 15.75 -1.47 -22.78
N PRO C 127 15.32 -0.31 -22.30
CA PRO C 127 15.38 -0.02 -20.87
C PRO C 127 14.51 -0.97 -20.07
N PRO C 128 14.64 -0.97 -18.74
CA PRO C 128 13.95 -1.98 -17.94
C PRO C 128 12.51 -1.60 -17.62
N GLY C 129 11.66 -2.63 -17.60
CA GLY C 129 10.26 -2.44 -17.25
C GLY C 129 9.31 -3.10 -18.23
N MET C 130 9.87 -3.73 -19.25
CA MET C 130 9.06 -4.39 -20.27
C MET C 130 9.91 -5.44 -20.97
N GLU C 131 9.29 -6.55 -21.33
CA GLU C 131 9.99 -7.64 -21.99
C GLU C 131 10.76 -7.10 -23.20
N PRO C 132 12.04 -7.44 -23.35
CA PRO C 132 12.83 -6.84 -24.40
C PRO C 132 12.35 -7.30 -25.77
N PRO C 133 12.53 -6.49 -26.81
CA PRO C 133 11.95 -6.82 -28.12
C PRO C 133 12.57 -8.06 -28.71
N LYS C 134 11.89 -8.60 -29.71
CA LYS C 134 12.34 -9.80 -30.40
C LYS C 134 12.27 -9.64 -31.92
N THR C 135 12.19 -8.41 -32.40
CA THR C 135 12.10 -8.12 -33.82
C THR C 135 12.50 -6.68 -34.07
N PRO C 136 13.36 -6.42 -35.05
CA PRO C 136 13.80 -5.04 -35.31
C PRO C 136 12.67 -4.03 -35.43
N GLU C 137 11.57 -4.41 -36.08
CA GLU C 137 10.46 -3.48 -36.22
C GLU C 137 9.84 -3.14 -34.88
N ALA C 138 9.95 -4.03 -33.90
CA ALA C 138 9.44 -3.77 -32.56
C ALA C 138 10.49 -3.15 -31.66
N ALA C 139 11.76 -3.23 -32.02
CA ALA C 139 12.83 -2.59 -31.27
C ALA C 139 13.16 -1.20 -31.76
N ALA C 140 12.65 -0.80 -32.92
CA ALA C 140 13.04 0.47 -33.51
C ALA C 140 12.64 1.66 -32.65
N HIS C 141 11.75 1.47 -31.69
CA HIS C 141 11.35 2.55 -30.79
C HIS C 141 12.19 2.29 -29.55
N CYS C 142 13.46 2.66 -29.65
CA CYS C 142 14.38 2.59 -28.53
C CYS C 142 15.57 3.45 -28.97
N ILE C 143 16.61 3.46 -28.14
CA ILE C 143 17.82 4.19 -28.46
C ILE C 143 18.70 3.25 -29.28
N HIS C 144 18.42 3.19 -30.57
CA HIS C 144 19.06 2.21 -31.45
C HIS C 144 19.75 2.84 -32.65
N ALA C 145 20.79 2.16 -33.13
CA ALA C 145 21.53 2.60 -34.27
C ALA C 145 21.61 1.46 -35.30
N GLU C 146 22.04 1.77 -36.52
CA GLU C 146 22.14 0.79 -37.56
C GLU C 146 23.42 1.19 -38.31
N TRP C 147 24.01 0.25 -39.04
CA TRP C 147 25.20 0.57 -39.82
C TRP C 147 25.41 -0.46 -40.91
N ASP C 148 25.68 0.01 -42.12
CA ASP C 148 26.17 -0.88 -43.16
C ASP C 148 27.56 -1.35 -42.81
N THR C 149 28.08 -2.27 -43.63
CA THR C 149 29.47 -2.70 -43.53
C THR C 149 30.06 -2.66 -44.94
N GLY C 150 30.46 -1.48 -45.39
CA GLY C 150 31.05 -1.42 -46.72
C GLY C 150 32.56 -1.39 -46.61
N LEU C 151 33.12 -0.26 -46.20
CA LEU C 151 34.57 -0.12 -46.09
C LEU C 151 35.17 -0.14 -44.70
N ASN C 152 34.60 0.61 -43.78
CA ASN C 152 35.05 0.65 -42.40
C ASN C 152 34.40 -0.49 -41.64
N SER C 153 35.19 -1.20 -40.85
CA SER C 153 34.66 -2.34 -40.11
C SER C 153 34.10 -2.13 -38.72
N LYS C 154 34.65 -1.18 -37.98
CA LYS C 154 34.35 -1.06 -36.56
C LYS C 154 33.20 -0.05 -36.52
N PHE C 155 32.25 -0.30 -35.63
CA PHE C 155 31.20 0.65 -35.31
C PHE C 155 30.97 0.59 -33.81
N THR C 156 31.22 1.68 -33.11
CA THR C 156 31.23 1.69 -31.65
C THR C 156 29.97 2.38 -31.14
N PHE C 157 28.97 1.60 -30.77
CA PHE C 157 27.75 2.15 -30.20
C PHE C 157 27.96 2.34 -28.71
N SER C 158 27.84 3.58 -28.26
CA SER C 158 28.06 3.93 -26.86
C SER C 158 26.78 3.66 -26.09
N ILE C 159 26.69 2.46 -25.49
CA ILE C 159 25.49 2.11 -24.74
C ILE C 159 25.27 3.14 -23.65
N PRO C 160 24.10 3.77 -23.57
CA PRO C 160 23.91 4.85 -22.59
C PRO C 160 23.83 4.30 -21.19
N TYR C 161 23.80 5.21 -20.23
CA TYR C 161 23.47 4.89 -18.85
C TYR C 161 22.37 5.86 -18.47
N LEU C 162 21.14 5.36 -18.48
CA LEU C 162 20.01 6.11 -17.94
C LEU C 162 19.32 5.23 -16.93
N SER C 163 19.28 5.70 -15.69
CA SER C 163 18.63 4.97 -14.62
C SER C 163 18.20 5.97 -13.56
N ALA C 164 17.32 5.51 -12.67
CA ALA C 164 16.89 6.36 -11.57
C ALA C 164 18.05 6.65 -10.64
N ALA C 165 18.75 5.62 -10.20
CA ALA C 165 19.85 5.79 -9.27
C ALA C 165 21.08 6.34 -9.98
N ASP C 166 21.71 7.33 -9.37
CA ASP C 166 22.94 7.89 -9.93
C ASP C 166 24.08 6.90 -10.01
N TYR C 167 23.93 5.70 -9.45
CA TYR C 167 24.91 4.64 -9.59
C TYR C 167 24.14 3.32 -9.58
N ALA C 168 24.47 2.43 -10.50
CA ALA C 168 23.84 1.13 -10.54
C ALA C 168 24.86 0.08 -10.16
N TYR C 169 24.38 -1.04 -9.63
CA TYR C 169 25.27 -2.05 -9.10
C TYR C 169 25.98 -2.79 -10.23
N THR C 170 27.06 -3.46 -9.86
CA THR C 170 27.85 -4.25 -10.77
C THR C 170 27.56 -5.73 -10.58
N ALA C 171 26.70 -6.07 -9.62
CA ALA C 171 26.39 -7.47 -9.38
C ALA C 171 24.95 -7.83 -9.74
N SER C 172 24.82 -8.68 -10.76
CA SER C 172 23.52 -9.15 -11.23
C SER C 172 22.80 -10.04 -10.23
N ASP C 173 23.58 -10.87 -9.53
CA ASP C 173 23.02 -11.85 -8.59
C ASP C 173 22.33 -11.81 -7.23
N ALA C 174 21.06 -11.78 -7.24
CA ALA C 174 20.19 -11.69 -6.07
C ALA C 174 18.88 -12.34 -6.50
N ALA C 175 17.83 -12.16 -5.72
CA ALA C 175 16.53 -12.73 -6.06
C ALA C 175 15.71 -12.21 -7.23
N GLU C 176 16.26 -11.30 -8.01
CA GLU C 176 15.52 -10.74 -9.15
C GLU C 176 14.94 -11.44 -10.37
N THR C 177 13.63 -11.29 -10.56
CA THR C 177 12.93 -11.88 -11.69
C THR C 177 13.34 -11.30 -13.04
N THR C 178 13.54 -9.99 -13.09
CA THR C 178 13.90 -9.30 -14.32
C THR C 178 15.09 -8.37 -14.14
N ASN C 179 15.79 -8.07 -15.22
CA ASN C 179 16.96 -7.22 -15.16
C ASN C 179 16.59 -5.85 -14.63
N VAL C 180 17.51 -5.25 -13.87
CA VAL C 180 17.28 -3.93 -13.31
C VAL C 180 17.81 -2.82 -14.21
N GLN C 181 18.80 -3.10 -15.05
CA GLN C 181 19.45 -2.08 -15.85
C GLN C 181 18.95 -2.04 -17.29
N GLY C 182 18.41 -3.15 -17.81
CA GLY C 182 17.80 -3.14 -19.11
C GLY C 182 18.57 -3.95 -20.13
N TRP C 183 17.88 -4.63 -21.03
CA TRP C 183 18.51 -5.50 -22.00
C TRP C 183 19.16 -4.69 -23.10
N VAL C 184 20.18 -5.26 -23.72
CA VAL C 184 20.78 -4.73 -24.93
C VAL C 184 20.64 -5.78 -26.01
N CYS C 185 19.96 -5.41 -27.09
CA CYS C 185 19.64 -6.34 -28.16
C CYS C 185 20.42 -5.98 -29.41
N LEU C 186 20.92 -6.98 -30.12
CA LEU C 186 21.69 -6.78 -31.34
C LEU C 186 21.02 -7.58 -32.45
N PHE C 187 20.35 -6.89 -33.38
CA PHE C 187 19.65 -7.54 -34.46
C PHE C 187 20.43 -7.42 -35.76
N GLN C 188 20.21 -8.36 -36.66
CA GLN C 188 20.82 -8.26 -37.97
C GLN C 188 19.59 -8.06 -38.82
N ILE C 189 19.32 -6.83 -39.24
CA ILE C 189 18.12 -6.57 -40.03
C ILE C 189 18.10 -7.25 -41.38
N THR C 190 19.22 -7.19 -42.09
CA THR C 190 19.31 -7.82 -43.40
C THR C 190 20.76 -8.16 -43.72
N HIS C 191 20.95 -9.09 -44.65
CA HIS C 191 22.32 -9.50 -45.08
C HIS C 191 22.31 -9.92 -46.55
N GLY C 192 23.47 -9.86 -47.21
CA GLY C 192 23.58 -10.22 -48.64
C GLY C 192 24.11 -11.63 -48.82
N LYS C 193 25.35 -11.76 -49.31
CA LYS C 193 25.98 -13.10 -49.49
C LYS C 193 26.96 -13.33 -48.34
N ALA C 194 26.83 -12.53 -47.28
CA ALA C 194 27.72 -12.57 -46.09
C ALA C 194 27.27 -13.62 -45.08
N ASP C 195 26.26 -14.43 -45.43
CA ASP C 195 25.79 -15.51 -44.51
C ASP C 195 26.97 -16.41 -44.13
N GLY C 196 27.14 -16.70 -42.83
CA GLY C 196 28.24 -17.56 -42.36
C GLY C 196 29.51 -16.78 -42.05
N ASP C 197 29.47 -15.44 -42.16
CA ASP C 197 30.65 -14.60 -41.87
C ASP C 197 30.48 -13.98 -40.48
N ALA C 198 31.52 -14.07 -39.64
CA ALA C 198 31.48 -13.59 -38.23
C ALA C 198 31.44 -12.06 -38.11
N LEU C 199 31.12 -11.61 -36.90
CA LEU C 199 31.02 -10.23 -36.46
C LEU C 199 31.79 -10.42 -35.18
N VAL C 200 32.78 -9.57 -34.93
CA VAL C 200 33.67 -9.73 -33.79
C VAL C 200 33.18 -8.56 -32.98
N VAL C 201 32.64 -8.84 -31.80
CA VAL C 201 32.15 -7.80 -30.91
C VAL C 201 33.19 -7.58 -29.83
N LEU C 202 33.33 -6.32 -29.41
CA LEU C 202 34.25 -5.98 -28.34
C LEU C 202 33.53 -5.07 -27.36
N ALA C 203 34.05 -5.02 -26.13
CA ALA C 203 33.52 -4.15 -25.12
C ALA C 203 34.62 -3.24 -24.62
N SER C 204 34.22 -2.16 -23.95
CA SER C 204 35.18 -1.17 -23.45
C SER C 204 34.45 -0.27 -22.48
N ALA C 205 35.20 0.65 -21.88
CA ALA C 205 34.60 1.70 -21.08
C ALA C 205 34.39 2.93 -21.94
N GLY C 206 33.56 3.85 -21.45
CA GLY C 206 33.20 5.02 -22.20
C GLY C 206 34.05 6.23 -21.85
N LYS C 207 33.72 7.36 -22.46
CA LYS C 207 34.41 8.59 -22.16
C LYS C 207 34.08 9.13 -20.78
N ASP C 208 33.16 8.48 -20.05
CA ASP C 208 32.77 8.91 -18.71
C ASP C 208 32.44 7.78 -17.76
N PHE C 209 32.66 6.52 -18.14
CA PHE C 209 32.60 5.39 -17.24
C PHE C 209 33.43 5.49 -15.96
N GLU C 210 32.80 5.25 -14.81
CA GLU C 210 33.50 5.28 -13.54
C GLU C 210 32.94 4.21 -12.63
N LEU C 211 33.82 3.57 -11.86
CA LEU C 211 33.42 2.65 -10.81
C LEU C 211 33.79 3.25 -9.46
N ARG C 212 33.23 2.67 -8.40
CA ARG C 212 33.52 3.17 -7.07
C ARG C 212 33.20 2.10 -6.04
N LEU C 213 33.62 2.37 -4.80
CA LEU C 213 33.38 1.53 -3.63
C LEU C 213 34.00 0.15 -3.47
N PRO C 214 35.29 -0.01 -3.77
CA PRO C 214 35.91 -1.33 -3.89
C PRO C 214 35.54 -2.36 -2.83
N VAL C 215 35.20 -3.57 -3.27
CA VAL C 215 34.93 -4.69 -2.38
C VAL C 215 35.28 -5.98 -3.11
N ASP C 216 35.97 -6.88 -2.43
CA ASP C 216 36.42 -8.12 -3.06
C ASP C 216 35.64 -9.29 -2.52
N ALA C 217 34.76 -9.84 -3.34
CA ALA C 217 34.20 -11.15 -3.05
C ALA C 217 35.17 -12.22 -3.51
N ARG C 218 34.95 -13.45 -3.06
CA ARG C 218 35.81 -14.54 -3.50
C ARG C 218 35.55 -14.82 -4.97
N THR C 219 36.41 -14.28 -5.83
CA THR C 219 36.29 -14.46 -7.27
C THR C 219 37.08 -15.65 -7.77
N SER D 15 29.83 22.00 12.68
CA SER D 15 28.47 22.36 12.30
C SER D 15 27.45 21.88 13.35
N GLY D 16 27.46 20.58 13.64
CA GLY D 16 26.53 20.04 14.61
C GLY D 16 27.15 19.04 15.56
N ASN D 17 27.13 19.36 16.86
CA ASN D 17 27.60 18.46 17.91
C ASN D 17 29.04 17.99 17.68
N THR D 18 29.86 18.89 17.16
CA THR D 18 31.31 18.69 17.12
C THR D 18 31.97 19.95 17.64
N GLY D 19 32.76 19.80 18.70
CA GLY D 19 33.22 20.97 19.42
C GLY D 19 34.71 21.01 19.66
N SER D 20 35.43 20.03 19.15
CA SER D 20 36.88 20.00 19.32
C SER D 20 37.46 21.10 18.44
N ILE D 21 38.02 22.14 19.06
CA ILE D 21 38.53 23.26 18.29
C ILE D 21 39.98 22.98 17.91
N ILE D 22 40.14 22.16 16.87
CA ILE D 22 41.43 21.78 16.29
C ILE D 22 41.13 21.31 14.87
N ASN D 23 41.92 21.79 13.91
CA ASN D 23 41.75 21.33 12.53
C ASN D 23 41.85 19.81 12.49
N ASN D 24 40.75 19.17 12.11
CA ASN D 24 40.63 17.72 12.17
C ASN D 24 41.84 17.04 11.55
N TYR D 25 42.27 15.94 12.16
CA TYR D 25 43.52 15.31 11.74
C TYR D 25 43.41 14.74 10.34
N TYR D 26 42.50 13.80 10.13
CA TYR D 26 42.36 13.19 8.82
C TYR D 26 41.79 14.19 7.83
N MET D 27 42.24 14.08 6.59
CA MET D 27 41.77 14.97 5.55
C MET D 27 40.27 14.88 5.41
N GLN D 28 39.67 15.92 4.85
CA GLN D 28 38.21 15.97 4.76
C GLN D 28 37.68 14.81 3.91
N GLN D 29 38.39 14.44 2.85
CA GLN D 29 37.91 13.37 1.98
C GLN D 29 37.84 12.05 2.74
N TYR D 30 38.80 11.79 3.62
CA TYR D 30 38.80 10.53 4.34
C TYR D 30 37.89 10.58 5.55
N GLN D 31 37.65 11.76 6.10
CA GLN D 31 36.79 11.89 7.25
C GLN D 31 35.31 11.81 6.90
N ASN D 32 34.91 12.42 5.79
CA ASN D 32 33.50 12.45 5.43
C ASN D 32 33.34 12.09 3.96
N SER D 33 32.10 11.86 3.56
CA SER D 33 31.78 11.64 2.16
C SER D 33 31.68 13.00 1.47
N MET D 34 32.65 13.31 0.62
CA MET D 34 32.65 14.58 -0.09
C MET D 34 31.34 14.76 -0.85
N ASP D 35 30.99 16.00 -1.14
CA ASP D 35 29.72 16.32 -1.79
C ASP D 35 29.96 16.86 -3.19
N THR D 36 29.00 16.61 -4.07
CA THR D 36 29.04 17.10 -5.45
C THR D 36 27.75 17.83 -5.74
N GLN D 37 27.85 18.98 -6.41
CA GLN D 37 26.69 19.80 -6.70
C GLN D 37 26.23 19.57 -8.14
N LEU D 38 25.13 20.22 -8.50
CA LEU D 38 24.58 20.17 -9.84
C LEU D 38 24.50 21.56 -10.43
N GLY D 39 24.46 21.62 -11.76
CA GLY D 39 24.27 22.88 -12.46
C GLY D 39 25.28 23.95 -12.14
N ASP D 66 16.05 23.87 3.36
CA ASP D 66 16.04 25.27 3.77
C ASP D 66 14.68 25.90 3.54
N TRP D 67 13.67 25.07 3.26
CA TRP D 67 12.36 25.62 2.92
C TRP D 67 11.50 25.85 4.15
N PHE D 68 11.60 25.00 5.16
CA PHE D 68 10.73 25.19 6.32
C PHE D 68 11.14 26.41 7.12
N SER D 69 12.42 26.76 7.13
CA SER D 69 12.83 28.00 7.76
C SER D 69 12.22 29.20 7.05
N LYS D 70 12.20 29.18 5.71
CA LYS D 70 11.56 30.25 4.96
C LYS D 70 10.08 30.30 5.27
N LEU D 71 9.43 29.14 5.33
CA LEU D 71 8.00 29.10 5.63
C LEU D 71 7.71 29.72 6.98
N ALA D 72 8.44 29.30 8.02
CA ALA D 72 8.20 29.83 9.36
C ALA D 72 8.57 31.30 9.45
N SER D 73 9.56 31.76 8.69
CA SER D 73 9.97 33.16 8.76
C SER D 73 8.96 34.06 8.06
N SER D 74 8.40 33.61 6.95
CA SER D 74 7.38 34.38 6.23
C SER D 74 6.03 33.99 6.80
N ALA D 75 5.81 34.35 8.07
CA ALA D 75 4.61 33.95 8.79
C ALA D 75 3.86 35.20 9.18
N PHE D 76 2.61 35.30 8.73
CA PHE D 76 1.78 36.46 9.04
C PHE D 76 1.66 36.64 10.54
N SER D 77 2.24 37.70 11.08
CA SER D 77 2.22 37.97 12.48
C SER D 77 1.25 39.10 12.84
N GLY D 78 1.41 39.68 14.01
CA GLY D 78 0.56 40.79 14.37
C GLY D 78 -0.93 40.51 14.32
N LEU D 79 -1.64 41.38 13.62
CA LEU D 79 -3.10 41.38 13.62
C LEU D 79 -3.60 41.54 12.19
N PHE D 80 -4.91 41.34 12.02
CA PHE D 80 -5.54 41.36 10.71
C PHE D 80 -6.57 42.47 10.54
N GLY D 81 -7.01 43.12 11.63
CA GLY D 81 -8.03 44.13 11.54
C GLY D 81 -7.63 45.40 12.29
N ALA D 82 -8.39 46.45 12.05
CA ALA D 82 -8.11 47.74 12.67
C ALA D 82 -8.09 47.40 14.16
N LEU D 83 -7.14 47.97 14.88
CA LEU D 83 -7.01 47.72 16.30
C LEU D 83 -7.42 49.03 16.94
N LEU D 84 -7.98 48.92 18.15
CA LEU D 84 -8.41 50.08 18.92
C LEU D 84 -7.90 49.93 20.35
N ALA D 85 -7.37 51.03 20.89
CA ALA D 85 -6.95 51.09 22.29
C ALA D 85 -5.90 50.06 22.65
N GLN E 1 -55.33 -24.58 -1.06
CA GLN E 1 -55.19 -25.73 -0.18
C GLN E 1 -54.03 -26.61 -0.63
N VAL E 2 -52.81 -26.20 -0.28
CA VAL E 2 -51.63 -26.98 -0.63
C VAL E 2 -51.68 -28.32 0.07
N GLN E 3 -51.50 -29.39 -0.69
CA GLN E 3 -51.55 -30.75 -0.14
C GLN E 3 -50.11 -31.24 0.00
N LEU E 4 -49.56 -31.12 1.21
CA LEU E 4 -48.17 -31.45 1.48
C LEU E 4 -48.06 -32.80 2.17
N ARG E 5 -46.85 -33.36 2.11
CA ARG E 5 -46.56 -34.67 2.69
C ARG E 5 -45.11 -34.68 3.16
N GLU E 6 -44.87 -35.26 4.33
CA GLU E 6 -43.52 -35.65 4.75
C GLU E 6 -43.42 -37.16 4.55
N SER E 7 -42.34 -37.61 3.93
CA SER E 7 -42.16 -39.02 3.61
C SER E 7 -40.97 -39.58 4.37
N GLY E 8 -40.99 -40.89 4.58
CA GLY E 8 -39.91 -41.58 5.25
C GLY E 8 -40.42 -42.60 6.25
N PRO E 9 -39.50 -43.18 7.02
CA PRO E 9 -39.90 -44.15 8.05
C PRO E 9 -40.20 -43.49 9.38
N SER E 10 -40.99 -44.16 10.22
CA SER E 10 -41.36 -43.59 11.51
C SER E 10 -40.20 -43.56 12.50
N LEU E 11 -39.13 -44.30 12.23
CA LEU E 11 -38.03 -44.46 13.17
C LEU E 11 -36.70 -44.48 12.43
N VAL E 12 -35.64 -44.11 13.16
CA VAL E 12 -34.29 -44.16 12.65
C VAL E 12 -33.41 -44.85 13.69
N LYS E 13 -32.52 -45.72 13.23
CA LYS E 13 -31.63 -46.42 14.15
C LYS E 13 -30.45 -45.51 14.50
N PRO E 14 -30.21 -45.25 15.78
CA PRO E 14 -29.02 -44.49 16.17
C PRO E 14 -27.74 -45.18 15.69
N SER E 15 -26.70 -44.37 15.48
CA SER E 15 -25.46 -44.73 14.80
C SER E 15 -25.70 -45.03 13.32
N GLN E 16 -26.84 -44.62 12.78
CA GLN E 16 -27.14 -44.71 11.36
C GLN E 16 -27.97 -43.53 10.90
N THR E 17 -27.89 -43.21 9.61
CA THR E 17 -28.50 -42.01 9.05
C THR E 17 -29.98 -42.06 8.68
N LEU E 18 -30.60 -40.87 8.67
CA LEU E 18 -31.99 -40.70 8.27
C LEU E 18 -32.11 -39.63 7.19
N SER E 19 -33.08 -39.81 6.30
CA SER E 19 -33.45 -38.83 5.31
C SER E 19 -34.98 -38.71 5.27
N LEU E 20 -35.45 -37.59 4.70
CA LEU E 20 -36.87 -37.29 4.67
C LEU E 20 -37.25 -36.80 3.27
N THR E 21 -38.51 -36.43 3.10
CA THR E 21 -39.02 -35.84 1.87
C THR E 21 -40.18 -34.90 2.16
N CYS E 22 -40.38 -33.92 1.29
CA CYS E 22 -41.49 -32.98 1.46
C CYS E 22 -42.13 -32.64 0.12
N THR E 23 -43.31 -33.17 -0.12
CA THR E 23 -44.09 -32.86 -1.31
C THR E 23 -44.94 -31.62 -1.04
N ALA E 24 -45.18 -30.83 -2.09
CA ALA E 24 -46.04 -29.68 -1.98
C ALA E 24 -46.53 -29.58 -3.44
N SER E 25 -47.84 -29.40 -3.63
CA SER E 25 -48.43 -29.33 -4.94
C SER E 25 -49.56 -28.30 -4.82
N GLY E 26 -50.00 -27.77 -5.95
CA GLY E 26 -51.08 -26.79 -5.96
C GLY E 26 -50.74 -25.50 -6.67
N PHE E 27 -51.74 -24.62 -6.81
CA PHE E 27 -51.54 -23.33 -7.45
C PHE E 27 -50.61 -22.44 -6.65
N SER E 28 -50.74 -22.46 -5.33
CA SER E 28 -49.95 -21.60 -4.45
C SER E 28 -48.71 -22.29 -3.89
N LEU E 29 -48.34 -23.45 -4.42
CA LEU E 29 -47.27 -24.26 -3.85
C LEU E 29 -45.89 -23.61 -3.98
N SER E 30 -45.75 -22.55 -4.77
CA SER E 30 -44.44 -21.96 -5.04
C SER E 30 -44.31 -20.50 -4.66
N ASP E 31 -45.29 -19.93 -3.96
CA ASP E 31 -45.27 -18.51 -3.63
C ASP E 31 -44.75 -18.23 -2.22
N LYS E 32 -44.39 -19.26 -1.46
CA LYS E 32 -43.95 -19.08 -0.08
C LYS E 32 -43.07 -20.24 0.38
N ALA E 33 -42.26 -19.97 1.41
CA ALA E 33 -41.30 -20.94 1.92
C ALA E 33 -41.77 -22.33 2.35
N VAL E 34 -40.90 -23.33 2.12
CA VAL E 34 -41.22 -24.72 2.42
C VAL E 34 -40.33 -25.14 3.59
N GLY E 35 -40.87 -25.02 4.80
CA GLY E 35 -40.12 -25.28 6.01
C GLY E 35 -40.44 -26.63 6.61
N TRP E 36 -39.73 -26.98 7.68
CA TRP E 36 -39.86 -28.28 8.34
C TRP E 36 -40.12 -28.07 9.82
N VAL E 37 -40.78 -29.05 10.45
CA VAL E 37 -41.17 -28.96 11.86
C VAL E 37 -41.05 -30.34 12.49
N ARG E 38 -40.54 -30.39 13.71
CA ARG E 38 -40.62 -31.57 14.58
C ARG E 38 -41.17 -31.14 15.93
N GLN E 39 -41.68 -32.11 16.69
CA GLN E 39 -42.29 -31.84 17.99
C GLN E 39 -41.55 -32.60 19.08
N ALA E 40 -40.95 -31.87 20.00
CA ALA E 40 -40.44 -32.48 21.21
C ALA E 40 -41.59 -32.70 22.19
N PRO E 41 -41.89 -33.95 22.56
CA PRO E 41 -43.05 -34.19 23.44
C PRO E 41 -42.83 -33.59 24.82
N GLY E 42 -43.78 -32.75 25.23
CA GLY E 42 -43.66 -32.05 26.50
C GLY E 42 -42.78 -30.82 26.48
N LYS E 43 -42.15 -30.52 25.35
CA LYS E 43 -41.24 -29.39 25.23
C LYS E 43 -41.53 -28.57 23.99
N ALA E 44 -40.69 -27.55 23.77
CA ALA E 44 -40.83 -26.70 22.61
C ALA E 44 -40.41 -27.43 21.33
N LEU E 45 -41.07 -27.11 20.23
CA LEU E 45 -40.77 -27.76 18.96
C LEU E 45 -39.43 -27.24 18.45
N GLU E 46 -38.64 -28.11 17.84
CA GLU E 46 -37.35 -27.69 17.29
C GLU E 46 -37.56 -27.17 15.88
N TRP E 47 -37.20 -25.91 15.65
CA TRP E 47 -37.31 -25.30 14.34
C TRP E 47 -36.27 -25.92 13.40
N LEU E 48 -36.74 -26.74 12.47
CA LEU E 48 -35.91 -27.41 11.49
C LEU E 48 -35.77 -26.53 10.25
N GLY E 49 -35.17 -27.09 9.21
CA GLY E 49 -34.88 -26.34 8.02
C GLY E 49 -36.08 -25.80 7.27
N SER E 50 -35.77 -25.00 6.25
CA SER E 50 -36.77 -24.44 5.36
C SER E 50 -36.14 -24.30 3.98
N ILE E 51 -36.93 -23.82 3.01
CA ILE E 51 -36.43 -23.57 1.66
C ILE E 51 -37.45 -22.70 0.93
N ASP E 52 -36.99 -21.98 -0.08
CA ASP E 52 -37.83 -21.22 -0.99
C ASP E 52 -37.54 -21.60 -2.43
N THR E 53 -38.39 -21.10 -3.34
CA THR E 53 -38.32 -21.48 -4.75
C THR E 53 -36.92 -21.54 -5.35
N GLY E 54 -36.00 -20.72 -4.86
CA GLY E 54 -34.64 -20.67 -5.36
C GLY E 54 -33.61 -21.36 -4.49
N GLY E 55 -34.03 -22.30 -3.64
CA GLY E 55 -33.10 -22.96 -2.75
C GLY E 55 -32.65 -22.14 -1.57
N SER E 56 -33.32 -21.02 -1.30
CA SER E 56 -32.96 -20.12 -0.21
C SER E 56 -33.62 -20.60 1.08
N THR E 57 -32.81 -20.71 2.14
CA THR E 57 -33.20 -21.41 3.35
C THR E 57 -32.87 -20.56 4.58
N GLY E 58 -33.58 -20.83 5.67
CA GLY E 58 -33.34 -20.15 6.93
C GLY E 58 -33.17 -21.11 8.08
N TYR E 59 -31.99 -21.11 8.70
CA TYR E 59 -31.66 -22.01 9.79
C TYR E 59 -31.38 -21.22 11.06
N ASN E 60 -31.49 -21.90 12.20
CA ASN E 60 -31.05 -21.45 13.51
C ASN E 60 -29.77 -22.18 13.92
N PRO E 61 -28.82 -21.50 14.56
CA PRO E 61 -27.61 -22.21 15.03
C PRO E 61 -27.88 -23.35 15.98
N GLY E 62 -29.12 -23.54 16.42
CA GLY E 62 -29.43 -24.66 17.29
C GLY E 62 -29.15 -26.01 16.63
N LEU E 63 -29.68 -26.21 15.43
CA LEU E 63 -29.43 -27.43 14.71
C LEU E 63 -28.90 -27.24 13.27
N LYS E 64 -28.70 -25.98 12.87
CA LYS E 64 -28.06 -25.70 11.61
C LYS E 64 -26.85 -26.52 11.17
N SER E 65 -25.89 -26.71 12.08
CA SER E 65 -24.69 -27.47 11.80
C SER E 65 -24.95 -28.97 11.69
N ARG E 66 -26.21 -29.40 11.74
CA ARG E 66 -26.56 -30.80 11.57
C ARG E 66 -27.74 -31.04 10.64
N LEU E 67 -28.27 -30.00 10.00
CA LEU E 67 -29.32 -30.15 9.00
C LEU E 67 -28.78 -29.82 7.62
N SER E 68 -29.16 -30.63 6.63
CA SER E 68 -28.83 -30.38 5.23
C SER E 68 -30.05 -30.71 4.40
N ILE E 69 -30.52 -29.73 3.62
CA ILE E 69 -31.81 -29.81 2.95
C ILE E 69 -31.64 -29.50 1.47
N THR E 70 -32.21 -30.36 0.62
CA THR E 70 -32.19 -30.20 -0.83
C THR E 70 -33.61 -30.25 -1.37
N LYS E 71 -33.80 -29.76 -2.59
CA LYS E 71 -35.11 -29.71 -3.23
C LYS E 71 -35.17 -30.59 -4.46
N ASP E 72 -36.28 -31.30 -4.62
CA ASP E 72 -36.60 -32.05 -5.83
C ASP E 72 -37.69 -31.30 -6.58
N ASN E 73 -37.57 -31.26 -7.91
CA ASN E 73 -38.41 -30.38 -8.73
C ASN E 73 -39.65 -31.06 -9.27
N SER E 74 -39.48 -32.22 -9.92
CA SER E 74 -40.57 -32.83 -10.69
C SER E 74 -41.82 -33.04 -9.84
N LYS E 75 -41.66 -33.66 -8.69
CA LYS E 75 -42.77 -33.83 -7.75
C LYS E 75 -42.82 -32.75 -6.69
N SER E 76 -41.98 -31.71 -6.80
CA SER E 76 -41.90 -30.63 -5.83
C SER E 76 -41.51 -31.11 -4.44
N ARG E 77 -40.46 -31.92 -4.35
CA ARG E 77 -40.06 -32.50 -3.07
C ARG E 77 -38.88 -31.75 -2.46
N VAL E 78 -38.72 -31.91 -1.15
CA VAL E 78 -37.65 -31.31 -0.36
C VAL E 78 -37.30 -32.28 0.75
N SER E 79 -36.00 -32.52 0.95
CA SER E 79 -35.54 -33.57 1.85
C SER E 79 -34.83 -33.00 3.07
N LEU E 80 -35.02 -33.66 4.21
CA LEU E 80 -34.42 -33.29 5.48
C LEU E 80 -33.31 -34.26 5.85
N SER E 81 -32.32 -33.77 6.60
CA SER E 81 -31.21 -34.59 7.07
C SER E 81 -31.05 -34.41 8.58
N VAL E 82 -31.22 -35.49 9.32
CA VAL E 82 -30.94 -35.53 10.75
C VAL E 82 -29.64 -36.30 10.94
N SER E 83 -28.55 -35.57 11.13
CA SER E 83 -27.22 -36.16 11.25
C SER E 83 -26.90 -36.40 12.72
N SER E 84 -26.24 -37.52 12.99
CA SER E 84 -25.97 -37.96 14.36
C SER E 84 -27.26 -38.14 15.19
N VAL E 85 -28.15 -38.98 14.66
CA VAL E 85 -29.46 -39.19 15.27
C VAL E 85 -29.34 -39.71 16.70
N THR E 86 -30.38 -39.51 17.50
CA THR E 86 -30.43 -40.05 18.85
C THR E 86 -31.83 -40.51 19.15
N THR E 87 -31.96 -41.34 20.18
CA THR E 87 -33.27 -41.84 20.57
C THR E 87 -34.18 -40.73 21.04
N GLU E 88 -33.61 -39.65 21.58
CA GLU E 88 -34.42 -38.50 21.99
C GLU E 88 -35.05 -37.79 20.79
N ASP E 89 -34.38 -37.80 19.64
CA ASP E 89 -34.91 -37.16 18.45
C ASP E 89 -36.07 -37.93 17.83
N SER E 90 -36.44 -39.08 18.40
CA SER E 90 -37.59 -39.83 17.92
C SER E 90 -38.74 -38.87 18.17
N ALA E 91 -39.52 -38.59 17.13
CA ALA E 91 -40.55 -37.57 17.19
C ALA E 91 -41.26 -37.52 15.84
N THR E 92 -42.43 -36.89 15.84
CA THR E 92 -43.21 -36.67 14.63
C THR E 92 -42.73 -35.54 13.73
N TYR E 93 -42.14 -35.89 12.60
CA TYR E 93 -41.54 -34.92 11.69
C TYR E 93 -42.59 -34.35 10.75
N TYR E 94 -42.37 -33.11 10.31
CA TYR E 94 -43.38 -32.36 9.55
C TYR E 94 -42.68 -31.40 8.60
N CYS E 95 -43.36 -31.05 7.49
CA CYS E 95 -42.87 -30.06 6.55
C CYS E 95 -43.94 -28.99 6.35
N THR E 96 -43.57 -27.72 6.59
CA THR E 96 -44.57 -26.67 6.74
C THR E 96 -44.13 -25.45 5.94
N THR E 97 -45.01 -24.44 5.88
CA THR E 97 -44.62 -23.14 5.35
C THR E 97 -44.21 -22.22 6.49
N VAL E 98 -43.21 -21.38 6.23
CA VAL E 98 -42.60 -20.52 7.25
C VAL E 98 -42.41 -19.11 6.70
N TYR E 99 -42.37 -18.13 7.60
CA TYR E 99 -42.42 -16.72 7.23
C TYR E 99 -41.43 -15.93 8.06
N HIS E 100 -40.63 -15.09 7.41
CA HIS E 100 -39.60 -14.29 8.09
C HIS E 100 -39.29 -13.05 7.26
N GLU E 101 -39.26 -11.87 7.91
CA GLU E 101 -38.97 -10.62 7.22
C GLU E 101 -38.40 -9.50 8.12
N THR E 102 -37.69 -8.55 7.51
CA THR E 102 -37.04 -7.45 8.30
C THR E 102 -37.33 -6.09 7.66
N SER E 103 -37.87 -5.16 8.43
CA SER E 103 -38.20 -3.84 7.83
C SER E 103 -37.26 -2.78 8.37
N ARG E 104 -36.35 -2.26 7.53
CA ARG E 104 -35.52 -1.16 8.06
C ARG E 104 -36.57 -0.08 8.33
N THR E 105 -36.66 0.39 9.57
CA THR E 105 -37.73 1.35 9.87
C THR E 105 -37.02 2.66 10.19
N CYS E 106 -37.81 3.68 10.52
CA CYS E 106 -37.25 5.02 10.88
C CYS E 106 -37.38 5.45 12.34
N PRO E 107 -36.81 6.61 12.76
CA PRO E 107 -36.94 7.10 14.14
C PRO E 107 -38.35 7.67 14.40
N ASP E 108 -38.71 7.85 15.68
CA ASP E 108 -40.09 8.31 16.01
C ASP E 108 -40.35 9.74 15.52
N GLY E 109 -39.39 10.65 15.66
CA GLY E 109 -39.60 12.06 15.28
C GLY E 109 -38.99 12.49 13.95
N TYR E 110 -38.47 11.57 13.14
CA TYR E 110 -37.82 12.01 11.87
C TYR E 110 -38.44 11.35 10.63
N ILE E 111 -38.49 12.09 9.51
CA ILE E 111 -39.10 11.57 8.25
C ILE E 111 -38.09 10.70 7.51
N TYR E 112 -38.52 9.93 6.50
CA TYR E 112 -37.55 9.02 5.84
C TYR E 112 -36.41 9.80 5.19
N ASP E 113 -36.69 10.96 4.57
CA ASP E 113 -35.64 11.78 3.91
C ASP E 113 -34.84 10.91 2.94
N PRO E 114 -35.47 10.25 1.95
CA PRO E 114 -34.78 9.33 1.04
C PRO E 114 -33.63 9.98 0.26
N GLY E 115 -33.78 11.25 -0.11
CA GLY E 115 -32.73 11.94 -0.89
C GLY E 115 -31.40 11.95 -0.15
N CYS E 116 -31.41 12.18 1.17
CA CYS E 116 -30.14 12.17 1.93
C CYS E 116 -29.55 10.76 1.87
N GLY E 117 -28.25 10.65 1.60
CA GLY E 117 -27.55 9.36 1.49
C GLY E 117 -26.83 8.98 2.78
N GLY E 118 -26.16 7.82 2.79
CA GLY E 118 -25.35 7.36 3.93
C GLY E 118 -26.15 6.65 5.01
N SER E 119 -25.47 6.27 6.10
CA SER E 119 -26.11 5.56 7.23
C SER E 119 -27.16 6.45 7.89
N TRP E 120 -26.86 7.75 8.06
CA TRP E 120 -27.83 8.68 8.66
C TRP E 120 -28.87 8.98 7.58
N VAL E 121 -30.14 8.57 7.77
CA VAL E 121 -31.15 8.78 6.70
C VAL E 121 -32.35 9.59 7.21
N CYS E 122 -32.81 9.36 8.45
CA CYS E 122 -34.03 10.04 8.97
C CYS E 122 -33.80 11.55 9.19
N SER E 123 -34.83 12.40 9.10
CA SER E 123 -34.57 13.86 9.26
C SER E 123 -35.66 14.59 10.05
N ARG E 124 -35.26 15.62 10.82
CA ARG E 124 -36.15 16.42 11.71
C ARG E 124 -37.24 17.12 10.89
N LEU E 125 -38.45 17.24 11.44
CA LEU E 125 -39.55 17.90 10.70
C LEU E 125 -39.71 19.36 11.13
N PHE E 126 -40.16 19.62 12.37
CA PHE E 126 -40.34 21.03 12.82
C PHE E 126 -38.98 21.74 12.94
N PRO E 127 -37.95 21.10 13.54
CA PRO E 127 -36.61 21.68 13.67
C PRO E 127 -35.97 21.92 12.30
N THR E 128 -36.25 21.02 11.35
CA THR E 128 -35.75 21.04 9.94
C THR E 128 -34.24 20.74 9.88
N ASP E 129 -33.70 19.99 10.84
CA ASP E 129 -32.27 19.63 10.77
C ASP E 129 -32.16 18.28 10.06
N ARG E 130 -31.74 18.28 8.80
CA ARG E 130 -31.73 17.02 7.99
C ARG E 130 -30.46 16.20 8.20
N CYS E 131 -30.54 14.91 7.84
CA CYS E 131 -29.46 13.91 7.97
C CYS E 131 -28.83 13.95 9.37
N ILE E 132 -29.63 13.71 10.42
CA ILE E 132 -29.09 13.71 11.82
C ILE E 132 -29.49 12.41 12.52
N VAL E 133 -30.23 11.53 11.85
CA VAL E 133 -30.71 10.26 12.48
C VAL E 133 -30.08 9.05 11.79
N GLY E 134 -29.49 8.14 12.56
CA GLY E 134 -28.89 6.90 12.02
C GLY E 134 -30.12 6.10 12.45
N ARG E 135 -31.05 5.93 11.51
CA ARG E 135 -32.34 5.18 11.64
C ARG E 135 -32.19 3.71 12.06
N THR E 136 -32.93 3.31 13.10
CA THR E 136 -32.90 1.92 13.62
C THR E 136 -33.66 0.99 12.68
N THR E 137 -33.34 -0.30 12.71
CA THR E 137 -34.00 -1.31 11.83
C THR E 137 -34.88 -2.24 12.68
N VAL F 5 -36.97 -20.90 20.69
CA VAL F 5 -38.20 -21.67 20.64
C VAL F 5 -39.28 -21.03 21.51
N LEU F 6 -40.53 -21.14 21.06
CA LEU F 6 -41.64 -20.56 21.80
C LEU F 6 -42.20 -21.55 22.81
N THR F 7 -43.12 -21.07 23.65
CA THR F 7 -43.75 -21.87 24.69
C THR F 7 -45.22 -22.09 24.33
N GLN F 8 -45.63 -23.35 24.24
CA GLN F 8 -47.02 -23.74 24.13
C GLN F 8 -47.34 -24.81 25.16
N PRO F 9 -48.60 -24.91 25.60
CA PRO F 9 -48.99 -26.03 26.45
C PRO F 9 -49.03 -27.32 25.65
N SER F 10 -48.15 -28.26 25.98
CA SER F 10 -47.92 -29.44 25.19
C SER F 10 -49.01 -30.51 25.36
N SER F 11 -50.03 -30.22 26.18
CA SER F 11 -51.12 -31.16 26.38
C SER F 11 -52.43 -30.40 26.38
N VAL F 12 -53.21 -30.60 25.33
CA VAL F 12 -54.48 -29.91 25.16
C VAL F 12 -55.51 -30.97 24.78
N SER F 13 -56.75 -30.76 25.22
CA SER F 13 -57.79 -31.76 25.03
C SER F 13 -59.10 -31.05 24.70
N GLY F 14 -60.04 -31.81 24.13
CA GLY F 14 -61.32 -31.26 23.75
C GLY F 14 -62.27 -32.35 23.31
N SER F 15 -63.56 -32.02 23.38
CA SER F 15 -64.63 -32.95 23.02
C SER F 15 -65.22 -32.59 21.66
N LEU F 16 -65.96 -33.55 21.10
CA LEU F 16 -66.62 -33.34 19.81
C LEU F 16 -67.62 -32.21 19.89
N GLY F 17 -67.49 -31.24 18.99
CA GLY F 17 -68.42 -30.13 18.90
C GLY F 17 -68.03 -28.90 19.71
N GLN F 18 -67.08 -29.01 20.62
CA GLN F 18 -66.67 -27.87 21.42
C GLN F 18 -65.59 -27.09 20.67
N ARG F 19 -65.34 -25.87 21.12
CA ARG F 19 -64.35 -24.97 20.52
C ARG F 19 -63.09 -25.01 21.35
N VAL F 20 -61.99 -25.48 20.76
CA VAL F 20 -60.73 -25.65 21.47
C VAL F 20 -59.76 -24.54 21.03
N SER F 21 -58.95 -24.08 21.98
CA SER F 21 -57.97 -23.02 21.72
C SER F 21 -56.57 -23.57 21.96
N ILE F 22 -55.64 -23.18 21.09
CA ILE F 22 -54.23 -23.53 21.23
C ILE F 22 -53.45 -22.24 21.45
N THR F 23 -52.85 -22.11 22.63
CA THR F 23 -52.18 -20.87 23.02
C THR F 23 -50.68 -20.97 22.78
N CYS F 24 -50.08 -19.81 22.53
CA CYS F 24 -48.63 -19.71 22.35
C CYS F 24 -48.16 -18.38 22.94
N SER F 25 -47.27 -18.45 23.91
CA SER F 25 -46.72 -17.27 24.56
C SER F 25 -45.36 -16.96 23.96
N GLY F 26 -45.21 -15.75 23.42
CA GLY F 26 -43.99 -15.33 22.76
C GLY F 26 -43.35 -14.18 23.51
N SER F 27 -42.64 -13.35 22.75
CA SER F 27 -41.88 -12.24 23.34
C SER F 27 -41.92 -11.06 22.38
N SER F 28 -41.31 -9.95 22.80
CA SER F 28 -41.30 -8.73 22.00
C SER F 28 -40.49 -8.90 20.72
N SER F 29 -39.66 -9.94 20.64
CA SER F 29 -38.82 -10.13 19.47
C SER F 29 -39.51 -10.92 18.36
N ASN F 30 -40.45 -11.80 18.68
CA ASN F 30 -41.02 -12.66 17.64
C ASN F 30 -42.54 -12.49 17.42
N VAL F 31 -43.30 -12.33 18.50
CA VAL F 31 -44.76 -12.15 18.33
C VAL F 31 -45.04 -10.66 18.32
N GLY F 32 -44.46 -9.92 19.27
CA GLY F 32 -44.71 -8.50 19.41
C GLY F 32 -44.21 -7.65 18.27
N ASN F 33 -43.36 -8.19 17.40
CA ASN F 33 -42.84 -7.44 16.25
C ASN F 33 -42.95 -8.17 14.93
N GLY F 34 -43.35 -9.45 14.92
CA GLY F 34 -43.41 -10.22 13.69
C GLY F 34 -44.71 -11.00 13.58
N TYR F 35 -44.92 -11.56 12.39
CA TYR F 35 -46.10 -12.35 12.10
C TYR F 35 -46.06 -13.68 12.85
N VAL F 36 -47.22 -14.34 12.89
CA VAL F 36 -47.37 -15.66 13.50
C VAL F 36 -48.41 -16.44 12.72
N SER F 37 -48.08 -17.67 12.36
CA SER F 37 -48.98 -18.55 11.61
C SER F 37 -49.22 -19.84 12.39
N TRP F 38 -50.30 -20.52 12.04
CA TRP F 38 -50.70 -21.75 12.72
C TRP F 38 -51.07 -22.80 11.68
N TYR F 39 -50.93 -24.07 12.05
CA TYR F 39 -51.14 -25.19 11.13
C TYR F 39 -51.70 -26.39 11.88
N GLN F 40 -52.19 -27.37 11.11
CA GLN F 40 -52.63 -28.66 11.63
C GLN F 40 -51.81 -29.75 10.94
N LEU F 41 -51.29 -30.68 11.73
CA LEU F 41 -50.20 -31.56 11.29
C LEU F 41 -50.50 -33.00 11.71
N ILE F 42 -50.73 -33.86 10.71
CA ILE F 42 -51.01 -35.27 10.91
C ILE F 42 -49.70 -36.04 10.74
N PRO F 43 -49.44 -37.10 11.50
CA PRO F 43 -48.20 -37.86 11.28
C PRO F 43 -48.14 -38.50 9.91
N GLY F 44 -46.96 -38.52 9.30
CA GLY F 44 -46.80 -39.10 7.98
C GLY F 44 -47.25 -38.21 6.85
N SER F 45 -47.87 -37.07 7.14
CA SER F 45 -48.38 -36.16 6.12
C SER F 45 -48.17 -34.73 6.58
N ALA F 46 -47.63 -33.91 5.69
CA ALA F 46 -47.25 -32.55 6.08
C ALA F 46 -48.48 -31.65 6.19
N PRO F 47 -48.40 -30.60 7.00
CA PRO F 47 -49.56 -29.75 7.24
C PRO F 47 -50.11 -29.07 6.00
N ARG F 48 -51.25 -28.44 6.17
CA ARG F 48 -51.80 -27.48 5.23
C ARG F 48 -51.90 -26.13 5.94
N THR F 49 -51.43 -25.07 5.27
CA THR F 49 -51.40 -23.74 5.87
C THR F 49 -52.80 -23.32 6.28
N LEU F 50 -52.94 -22.83 7.51
CA LEU F 50 -54.24 -22.54 8.11
C LEU F 50 -54.61 -21.11 8.45
N ILE F 51 -53.66 -20.30 8.92
CA ILE F 51 -53.96 -18.98 9.46
C ILE F 51 -52.78 -18.09 9.09
N TYR F 52 -53.05 -17.06 8.29
CA TYR F 52 -52.05 -16.06 7.91
C TYR F 52 -52.70 -14.69 7.91
N GLY F 53 -51.88 -13.66 7.66
CA GLY F 53 -52.32 -12.28 7.73
C GLY F 53 -52.76 -11.90 9.13
N ASP F 54 -52.43 -12.76 10.09
CA ASP F 54 -52.64 -12.60 11.51
C ASP F 54 -54.10 -12.67 11.93
N THR F 55 -55.01 -12.67 10.95
CA THR F 55 -56.42 -12.92 11.16
C THR F 55 -57.08 -13.70 10.06
N SER F 56 -56.42 -13.86 8.91
CA SER F 56 -57.04 -14.41 7.72
C SER F 56 -56.91 -15.91 7.58
N ARG F 57 -57.68 -16.47 6.64
CA ARG F 57 -57.72 -17.90 6.41
C ARG F 57 -57.63 -18.17 4.91
N ALA F 58 -56.68 -19.03 4.52
CA ALA F 58 -56.45 -19.32 3.11
C ALA F 58 -57.64 -20.05 2.49
N SER F 59 -57.69 -20.01 1.15
CA SER F 59 -58.78 -20.67 0.42
C SER F 59 -58.70 -22.17 0.60
N GLY F 60 -59.86 -22.79 0.83
CA GLY F 60 -59.91 -24.22 1.06
C GLY F 60 -59.93 -24.55 2.54
N VAL F 61 -59.19 -23.76 3.31
CA VAL F 61 -59.13 -23.90 4.77
C VAL F 61 -60.52 -23.66 5.33
N PRO F 62 -61.14 -24.63 6.01
CA PRO F 62 -62.43 -24.38 6.64
C PRO F 62 -62.31 -23.29 7.69
N ASP F 63 -63.30 -22.41 7.73
CA ASP F 63 -63.26 -21.26 8.62
C ASP F 63 -63.39 -21.64 10.09
N ARG F 64 -63.56 -22.93 10.40
CA ARG F 64 -63.63 -23.37 11.78
C ARG F 64 -62.31 -23.17 12.50
N ILE F 65 -61.22 -22.95 11.77
CA ILE F 65 -59.91 -22.65 12.33
C ILE F 65 -59.67 -21.15 12.17
N SER F 66 -59.54 -20.45 13.31
CA SER F 66 -59.41 -19.01 13.31
C SER F 66 -58.26 -18.59 14.22
N GLY F 67 -57.77 -17.37 14.03
CA GLY F 67 -56.60 -16.90 14.73
C GLY F 67 -56.83 -15.54 15.38
N SER F 68 -55.87 -15.17 16.22
CA SER F 68 -55.86 -13.87 16.90
C SER F 68 -54.48 -13.65 17.50
N ARG F 69 -54.17 -12.39 17.81
CA ARG F 69 -52.88 -12.07 18.42
C ARG F 69 -52.99 -10.79 19.22
N SER F 70 -52.38 -10.78 20.42
CA SER F 70 -52.39 -9.60 21.28
C SER F 70 -51.11 -9.63 22.12
N GLY F 71 -50.25 -8.63 21.93
CA GLY F 71 -49.02 -8.54 22.70
C GLY F 71 -47.99 -9.57 22.29
N ASN F 72 -47.58 -10.43 23.22
CA ASN F 72 -46.67 -11.53 22.92
C ASN F 72 -47.40 -12.88 22.95
N THR F 73 -48.72 -12.86 22.75
CA THR F 73 -49.54 -14.05 22.85
C THR F 73 -50.30 -14.27 21.54
N ALA F 74 -50.39 -15.54 21.14
CA ALA F 74 -51.13 -15.93 19.96
C ALA F 74 -51.94 -17.18 20.26
N THR F 75 -53.07 -17.33 19.56
CA THR F 75 -54.01 -18.39 19.87
C THR F 75 -54.55 -19.03 18.59
N LEU F 76 -54.97 -20.28 18.71
CA LEU F 76 -55.59 -21.03 17.62
C LEU F 76 -56.92 -21.59 18.10
N THR F 77 -58.02 -20.97 17.67
CA THR F 77 -59.35 -21.40 18.05
C THR F 77 -59.93 -22.30 16.96
N ILE F 78 -60.30 -23.53 17.35
CA ILE F 78 -60.89 -24.51 16.46
C ILE F 78 -62.30 -24.78 16.96
N SER F 79 -63.29 -24.20 16.31
CA SER F 79 -64.67 -24.42 16.70
C SER F 79 -65.22 -25.67 16.04
N SER F 80 -66.05 -26.39 16.80
CA SER F 80 -66.66 -27.66 16.34
C SER F 80 -65.70 -28.78 15.95
N VAL F 81 -64.69 -29.02 16.79
CA VAL F 81 -63.73 -30.09 16.53
C VAL F 81 -64.37 -31.42 16.16
N GLN F 82 -63.81 -32.06 15.13
CA GLN F 82 -64.25 -33.38 14.69
C GLN F 82 -63.09 -34.35 14.58
N ALA F 83 -63.42 -35.64 14.43
CA ALA F 83 -62.40 -36.68 14.41
C ALA F 83 -61.21 -36.47 13.49
N GLU F 84 -61.39 -35.75 12.37
CA GLU F 84 -60.26 -35.49 11.47
C GLU F 84 -59.29 -34.49 12.09
N ASP F 85 -59.75 -33.71 13.07
CA ASP F 85 -58.90 -32.70 13.69
C ASP F 85 -57.97 -33.28 14.75
N GLU F 86 -58.02 -34.59 14.99
CA GLU F 86 -57.08 -35.21 15.93
C GLU F 86 -55.72 -35.23 15.26
N ALA F 87 -54.90 -34.23 15.55
CA ALA F 87 -53.60 -34.07 14.91
C ALA F 87 -52.76 -33.16 15.82
N ASP F 88 -51.58 -32.80 15.32
CA ASP F 88 -50.66 -31.93 16.03
C ASP F 88 -50.76 -30.52 15.47
N TYR F 89 -50.80 -29.53 16.36
CA TYR F 89 -50.91 -28.13 15.98
C TYR F 89 -49.63 -27.40 16.38
N PHE F 90 -49.13 -26.56 15.47
CA PHE F 90 -47.85 -25.89 15.66
C PHE F 90 -47.98 -24.42 15.31
N CYS F 91 -47.10 -23.60 15.90
CA CYS F 91 -47.09 -22.16 15.69
C CYS F 91 -45.88 -21.75 14.86
N ALA F 92 -46.03 -20.68 14.08
CA ALA F 92 -44.94 -20.06 13.34
C ALA F 92 -44.74 -18.64 13.83
N SER F 93 -43.61 -18.04 13.46
CA SER F 93 -43.28 -16.69 13.90
C SER F 93 -41.98 -16.24 13.24
N ALA F 94 -41.75 -14.92 13.25
CA ALA F 94 -40.53 -14.31 12.77
C ALA F 94 -39.86 -13.44 13.83
N GLU F 95 -38.60 -13.75 14.14
CA GLU F 95 -37.85 -13.07 15.19
C GLU F 95 -36.67 -12.30 14.61
N ASP F 96 -36.20 -11.32 15.37
CA ASP F 96 -35.08 -10.48 14.96
C ASP F 96 -33.78 -10.78 15.70
N SER F 97 -33.84 -11.18 16.97
CA SER F 97 -32.61 -11.44 17.72
C SER F 97 -31.85 -12.61 17.13
N SER F 98 -32.54 -13.72 16.84
CA SER F 98 -31.91 -14.84 16.16
C SER F 98 -31.71 -14.58 14.68
N SER F 99 -32.29 -13.50 14.16
CA SER F 99 -32.23 -13.13 12.74
C SER F 99 -32.72 -14.28 11.86
N ASN F 100 -33.64 -15.07 12.41
CA ASN F 100 -34.15 -16.26 11.73
C ASN F 100 -35.27 -16.89 12.53
N ALA F 101 -36.02 -17.77 11.87
CA ALA F 101 -37.23 -18.33 12.46
C ALA F 101 -37.16 -18.97 13.85
N VAL F 102 -38.18 -18.74 14.66
CA VAL F 102 -38.32 -19.31 15.99
C VAL F 102 -39.76 -19.79 16.15
N PHE F 103 -39.93 -21.02 16.64
CA PHE F 103 -41.21 -21.71 16.58
C PHE F 103 -41.68 -22.16 17.95
N GLY F 104 -42.91 -22.70 17.99
CA GLY F 104 -43.61 -22.98 19.23
C GLY F 104 -43.22 -24.29 19.90
N SER F 105 -44.22 -24.91 20.54
CA SER F 105 -44.00 -26.21 21.19
C SER F 105 -44.70 -27.36 20.49
N GLY F 106 -45.80 -27.10 19.80
CA GLY F 106 -46.58 -28.16 19.17
C GLY F 106 -47.58 -28.79 20.12
N THR F 107 -48.82 -28.91 19.69
CA THR F 107 -49.92 -29.35 20.54
C THR F 107 -50.62 -30.54 19.91
N THR F 108 -50.57 -31.70 20.57
CA THR F 108 -51.33 -32.87 20.15
C THR F 108 -52.75 -32.73 20.69
N LEU F 109 -53.72 -32.68 19.77
CA LEU F 109 -55.12 -32.54 20.16
C LEU F 109 -55.74 -33.92 20.29
N THR F 110 -56.15 -34.26 21.51
CA THR F 110 -56.74 -35.56 21.80
C THR F 110 -58.25 -35.41 21.90
N VAL F 111 -58.95 -35.88 20.87
CA VAL F 111 -60.40 -35.73 20.78
C VAL F 111 -61.05 -36.86 21.59
N LEU F 112 -61.76 -36.48 22.66
CA LEU F 112 -62.38 -37.46 23.54
C LEU F 112 -63.79 -37.78 23.09
#